data_5QAB
#
_entry.id   5QAB
#
_cell.length_a   88.514
_cell.length_b   107.483
_cell.length_c   125.345
_cell.angle_alpha   90.000
_cell.angle_beta   90.000
_cell.angle_gamma   90.000
#
_symmetry.space_group_name_H-M   'P 21 21 21'
#
loop_
_entity.id
_entity.type
_entity.pdbx_description
1 polymer Beta-lactamase
2 non-polymer '3-(3-methoxyphenyl)benzoic acid'
3 non-polymer 1,2-ETHANEDIOL
4 non-polymer 'CHLORIDE ION'
5 water water
#
_entity_poly.entity_id   1
_entity_poly.type   'polypeptide(L)'
_entity_poly.pdbx_seq_one_letter_code
;KEWQENKSWNAHFTEHKSQGVVVLWNENKQQGFTNNLKRANQAFLPASTF(KCX)IPNSLIALDLGVVKDEHQVFKWDGQ
TRDIATWNRDHNLITAMKYSVVPVYQEFARQIGEARMSKMLHAFDYGNEDISGNVDSFWLDGGIRISATEQISFLRKLYH
NKLHVSERSQRIVKQAMLTEANGDYIIRAKTGYSTRIEPKIGWWVGWVELDDNVWFFAMNMDMPTSDGLGLRQAITKEVL
KQEKIIP
;
_entity_poly.pdbx_strand_id   A,B,C,D
#
loop_
_chem_comp.id
_chem_comp.type
_chem_comp.name
_chem_comp.formula
CL non-polymer 'CHLORIDE ION' 'Cl -1'
EDO non-polymer 1,2-ETHANEDIOL 'C2 H6 O2'
XEV non-polymer '3-(3-methoxyphenyl)benzoic acid' 'C14 H12 O3'
#
# COMPACT_ATOMS: atom_id res chain seq x y z
N GLU A 2 -23.91 -37.47 29.85
CA GLU A 2 -22.85 -38.43 29.60
C GLU A 2 -22.00 -38.00 28.41
N TRP A 3 -20.90 -38.72 28.18
CA TRP A 3 -20.00 -38.45 27.07
C TRP A 3 -19.63 -39.77 26.40
N GLN A 4 -19.17 -39.66 25.15
CA GLN A 4 -18.72 -40.82 24.39
C GLN A 4 -17.58 -40.39 23.48
N GLU A 5 -16.50 -41.16 23.50
CA GLU A 5 -15.35 -40.88 22.66
C GLU A 5 -15.43 -41.72 21.40
N ASN A 6 -15.29 -41.06 20.25
CA ASN A 6 -15.40 -41.70 18.94
C ASN A 6 -14.11 -41.39 18.18
N LYS A 7 -13.11 -42.26 18.31
CA LYS A 7 -11.83 -42.03 17.65
C LYS A 7 -11.91 -42.19 16.13
N SER A 8 -13.00 -42.74 15.61
CA SER A 8 -13.16 -42.81 14.16
C SER A 8 -13.03 -41.44 13.50
N TRP A 9 -13.45 -40.38 14.20
CA TRP A 9 -13.35 -39.03 13.66
C TRP A 9 -11.90 -38.57 13.50
N ASN A 10 -10.95 -39.20 14.19
CA ASN A 10 -9.55 -38.81 14.05
C ASN A 10 -9.10 -38.83 12.59
N ALA A 11 -9.70 -39.70 11.78
CA ALA A 11 -9.35 -39.75 10.35
C ALA A 11 -9.52 -38.37 9.71
N HIS A 12 -10.62 -37.68 9.99
CA HIS A 12 -10.87 -36.40 9.36
C HIS A 12 -9.74 -35.41 9.61
N PHE A 13 -9.02 -35.55 10.73
CA PHE A 13 -7.87 -34.70 10.98
C PHE A 13 -6.60 -35.24 10.33
N THR A 14 -6.34 -36.54 10.51
CA THR A 14 -5.12 -37.15 9.96
C THR A 14 -5.18 -37.34 8.45
N GLU A 15 -6.28 -36.94 7.81
CA GLU A 15 -6.39 -37.03 6.37
C GLU A 15 -5.90 -35.75 5.72
N HIS A 16 -6.03 -34.64 6.46
CA HIS A 16 -5.49 -33.35 6.07
C HIS A 16 -4.19 -33.04 6.82
N LYS A 17 -3.52 -34.08 7.33
CA LYS A 17 -2.21 -33.94 7.97
C LYS A 17 -2.24 -32.93 9.11
N SER A 18 -3.29 -32.97 9.92
CA SER A 18 -3.43 -32.05 11.04
C SER A 18 -3.95 -32.81 12.26
N GLN A 19 -4.06 -32.09 13.38
CA GLN A 19 -4.49 -32.67 14.63
C GLN A 19 -5.48 -31.72 15.28
N GLY A 20 -6.52 -32.26 15.90
CA GLY A 20 -7.51 -31.41 16.53
C GLY A 20 -8.58 -32.23 17.21
N VAL A 21 -9.60 -31.52 17.67
CA VAL A 21 -10.74 -32.14 18.37
C VAL A 21 -12.02 -31.53 17.84
N VAL A 22 -13.05 -32.36 17.72
CA VAL A 22 -14.42 -31.91 17.51
C VAL A 22 -15.25 -32.41 18.68
N VAL A 23 -16.04 -31.51 19.27
CA VAL A 23 -16.96 -31.84 20.34
C VAL A 23 -18.37 -31.52 19.86
N LEU A 24 -19.25 -32.52 19.91
CA LEU A 24 -20.65 -32.36 19.55
C LEU A 24 -21.52 -32.58 20.78
N TRP A 25 -22.65 -31.88 20.84
CA TRP A 25 -23.60 -32.03 21.93
C TRP A 25 -25.02 -32.10 21.37
N ASN A 26 -25.69 -33.21 21.62
CA ASN A 26 -27.08 -33.41 21.23
C ASN A 26 -27.98 -32.86 22.32
N GLU A 27 -28.67 -31.74 22.04
CA GLU A 27 -29.42 -31.06 23.09
C GLU A 27 -30.63 -31.89 23.52
N ASN A 28 -31.36 -32.49 22.57
CA ASN A 28 -32.52 -33.29 22.92
C ASN A 28 -32.14 -34.44 23.85
N LYS A 29 -31.11 -35.21 23.47
CA LYS A 29 -30.68 -36.36 24.24
C LYS A 29 -29.71 -36.00 25.37
N GLN A 30 -29.19 -34.77 25.39
CA GLN A 30 -28.24 -34.37 26.43
C GLN A 30 -27.05 -35.33 26.45
N GLN A 31 -26.46 -35.53 25.27
CA GLN A 31 -25.32 -36.43 25.11
C GLN A 31 -24.22 -35.74 24.33
N GLY A 32 -22.98 -35.97 24.76
CA GLY A 32 -21.84 -35.38 24.11
C GLY A 32 -20.99 -36.41 23.38
N PHE A 33 -20.25 -35.96 22.37
CA PHE A 33 -19.40 -36.84 21.57
C PHE A 33 -18.15 -36.09 21.18
N THR A 34 -17.02 -36.80 21.15
CA THR A 34 -15.77 -36.20 20.73
C THR A 34 -14.80 -37.28 20.27
N ASN A 35 -13.82 -36.87 19.47
CA ASN A 35 -12.77 -37.78 19.05
C ASN A 35 -11.63 -37.88 20.07
N ASN A 36 -11.55 -36.93 21.00
CA ASN A 36 -10.38 -36.82 21.87
C ASN A 36 -10.82 -36.16 23.17
N LEU A 37 -11.13 -36.98 24.17
CA LEU A 37 -11.62 -36.45 25.44
C LEU A 37 -10.58 -35.57 26.12
N LYS A 38 -9.30 -35.87 25.94
CA LYS A 38 -8.24 -35.06 26.57
C LYS A 38 -8.18 -33.68 25.95
N ARG A 39 -8.05 -33.59 24.62
CA ARG A 39 -7.96 -32.29 23.98
C ARG A 39 -9.27 -31.51 24.13
N ALA A 40 -10.40 -32.20 24.19
CA ALA A 40 -11.67 -31.53 24.41
C ALA A 40 -11.66 -30.69 25.69
N ASN A 41 -10.85 -31.08 26.67
CA ASN A 41 -10.76 -30.37 27.94
C ASN A 41 -9.45 -29.58 28.08
N GLN A 42 -8.66 -29.50 27.02
CA GLN A 42 -7.47 -28.63 27.02
C GLN A 42 -7.87 -27.21 26.66
N ALA A 43 -7.40 -26.24 27.45
CA ALA A 43 -7.80 -24.85 27.33
C ALA A 43 -6.82 -24.07 26.46
N PHE A 44 -7.34 -23.33 25.49
CA PHE A 44 -6.55 -22.51 24.58
C PHE A 44 -7.00 -21.06 24.65
N LEU A 45 -6.19 -20.18 24.07
CA LEU A 45 -6.64 -18.81 23.84
C LEU A 45 -7.90 -18.84 22.99
N PRO A 46 -8.94 -18.08 23.34
CA PRO A 46 -10.15 -18.08 22.51
C PRO A 46 -10.00 -17.32 21.22
N ALA A 47 -9.08 -16.36 21.14
CA ALA A 47 -8.88 -15.53 19.95
C ALA A 47 -10.25 -14.98 19.55
N SER A 48 -10.61 -15.01 18.26
CA SER A 48 -11.81 -14.32 17.79
C SER A 48 -13.11 -14.97 18.23
N THR A 49 -13.11 -16.19 18.77
CA THR A 49 -14.35 -16.70 19.35
C THR A 49 -14.77 -15.85 20.55
N PHE A 50 -13.84 -15.07 21.11
CA PHE A 50 -14.16 -14.18 22.22
C PHE A 50 -15.05 -13.01 21.81
N KCX A 51 -15.24 -12.81 20.51
CA KCX A 51 -16.12 -11.74 20.04
CB KCX A 51 -15.96 -11.56 18.53
CG KCX A 51 -14.65 -10.87 18.13
CD KCX A 51 -14.53 -10.67 16.64
CE KCX A 51 -13.23 -9.96 16.27
NZ KCX A 51 -12.01 -10.79 16.52
C KCX A 51 -17.57 -12.04 20.41
O KCX A 51 -18.40 -11.13 20.40
CX KCX A 51 -11.24 -10.60 17.59
OQ1 KCX A 51 -10.25 -11.31 17.76
OQ2 KCX A 51 -11.52 -9.70 18.40
H KCX A 51 -14.86 -13.27 19.89
HA KCX A 51 -15.86 -10.90 20.47
HB2 KCX A 51 -16.00 -12.42 18.10
HG2 KCX A 51 -13.91 -11.43 18.42
HD2 KCX A 51 -14.55 -11.53 16.19
HE2 KCX A 51 -13.16 -9.15 16.79
N ILE A 52 -17.87 -13.29 20.75
CA ILE A 52 -19.23 -13.63 21.19
C ILE A 52 -19.48 -12.99 22.56
N PRO A 53 -18.72 -13.35 23.59
CA PRO A 53 -18.92 -12.68 24.89
C PRO A 53 -18.66 -11.19 24.84
N ASN A 54 -17.64 -10.78 24.07
CA ASN A 54 -17.34 -9.35 23.96
C ASN A 54 -18.53 -8.58 23.40
N SER A 55 -19.18 -9.10 22.36
CA SER A 55 -20.37 -8.46 21.81
C SER A 55 -21.48 -8.38 22.86
N LEU A 56 -21.72 -9.49 23.57
CA LEU A 56 -22.77 -9.51 24.57
C LEU A 56 -22.57 -8.41 25.60
N ILE A 57 -21.34 -8.25 26.09
CA ILE A 57 -21.05 -7.27 27.13
C ILE A 57 -21.21 -5.86 26.58
N ALA A 58 -20.63 -5.60 25.40
CA ALA A 58 -20.73 -4.27 24.81
C ALA A 58 -22.19 -3.86 24.63
N LEU A 59 -23.03 -4.81 24.21
CA LEU A 59 -24.45 -4.50 24.00
C LEU A 59 -25.16 -4.22 25.32
N ASP A 60 -24.91 -5.04 26.34
CA ASP A 60 -25.62 -4.91 27.59
C ASP A 60 -25.20 -3.68 28.38
N LEU A 61 -24.00 -3.16 28.15
CA LEU A 61 -23.53 -1.96 28.82
C LEU A 61 -23.82 -0.68 28.04
N GLY A 62 -24.36 -0.81 26.82
CA GLY A 62 -24.63 0.34 26.00
C GLY A 62 -23.46 0.81 25.17
N VAL A 63 -22.30 0.15 25.28
CA VAL A 63 -21.16 0.48 24.42
C VAL A 63 -21.57 0.35 22.96
N VAL A 64 -22.38 -0.66 22.65
CA VAL A 64 -22.95 -0.83 21.33
C VAL A 64 -24.47 -0.66 21.47
N LYS A 65 -25.01 0.29 20.72
CA LYS A 65 -26.44 0.58 20.82
C LYS A 65 -27.27 -0.50 20.16
N ASP A 66 -26.91 -0.89 18.94
CA ASP A 66 -27.61 -1.96 18.24
C ASP A 66 -26.72 -2.47 17.13
N GLU A 67 -27.23 -3.46 16.39
CA GLU A 67 -26.46 -4.08 15.32
C GLU A 67 -26.33 -3.20 14.08
N HIS A 68 -26.92 -2.00 14.09
CA HIS A 68 -26.80 -1.07 12.98
C HIS A 68 -25.80 0.04 13.24
N GLN A 69 -25.46 0.31 14.51
CA GLN A 69 -24.53 1.37 14.83
C GLN A 69 -23.23 1.18 14.05
N VAL A 70 -22.73 2.26 13.47
CA VAL A 70 -21.57 2.21 12.60
C VAL A 70 -20.34 2.53 13.44
N PHE A 71 -19.30 1.71 13.29
CA PHE A 71 -18.01 1.93 13.93
C PHE A 71 -17.04 2.31 12.81
N LYS A 72 -16.71 3.59 12.75
CA LYS A 72 -15.98 4.13 11.61
C LYS A 72 -14.54 3.63 11.63
N TRP A 73 -14.03 3.29 10.44
CA TRP A 73 -12.62 2.95 10.30
C TRP A 73 -11.76 4.09 10.83
N ASP A 74 -10.74 3.74 11.62
CA ASP A 74 -9.87 4.75 12.22
C ASP A 74 -8.85 5.31 11.24
N GLY A 75 -8.94 4.95 9.95
CA GLY A 75 -8.05 5.48 8.95
C GLY A 75 -6.67 4.86 8.89
N GLN A 76 -6.38 3.88 9.74
CA GLN A 76 -5.09 3.18 9.70
C GLN A 76 -5.22 1.95 8.82
N THR A 77 -4.43 1.91 7.76
CA THR A 77 -4.46 0.80 6.82
C THR A 77 -3.84 -0.44 7.47
N ARG A 78 -4.62 -1.52 7.55
CA ARG A 78 -4.15 -2.80 8.04
C ARG A 78 -4.16 -3.82 6.90
N ASP A 79 -3.45 -4.93 7.10
CA ASP A 79 -3.22 -5.89 6.03
C ASP A 79 -4.45 -6.72 5.69
N ILE A 80 -5.55 -6.59 6.42
CA ILE A 80 -6.80 -7.28 6.09
C ILE A 80 -7.71 -6.25 5.44
N ALA A 81 -7.86 -6.35 4.12
CA ALA A 81 -8.58 -5.31 3.38
C ALA A 81 -9.96 -5.04 3.97
N THR A 82 -10.71 -6.09 4.33
CA THR A 82 -12.04 -5.88 4.84
C THR A 82 -12.05 -5.17 6.19
N TRP A 83 -10.90 -5.05 6.87
CA TRP A 83 -10.83 -4.27 8.09
C TRP A 83 -10.73 -2.77 7.84
N ASN A 84 -10.30 -2.35 6.64
CA ASN A 84 -10.09 -0.93 6.35
C ASN A 84 -11.37 -0.31 5.80
N ARG A 85 -12.43 -0.40 6.59
CA ARG A 85 -13.72 0.14 6.20
C ARG A 85 -14.61 0.24 7.43
N ASP A 86 -15.73 0.94 7.27
CA ASP A 86 -16.72 1.02 8.33
C ASP A 86 -17.36 -0.34 8.57
N HIS A 87 -17.80 -0.57 9.81
CA HIS A 87 -18.44 -1.81 10.18
C HIS A 87 -19.58 -1.55 11.16
N ASN A 88 -20.53 -2.46 11.17
CA ASN A 88 -21.48 -2.61 12.26
C ASN A 88 -21.20 -3.95 12.93
N LEU A 89 -22.01 -4.27 13.95
CA LEU A 89 -21.77 -5.50 14.70
C LEU A 89 -21.83 -6.71 13.80
N ILE A 90 -22.74 -6.72 12.82
CA ILE A 90 -22.90 -7.86 11.94
C ILE A 90 -21.64 -8.07 11.10
N THR A 91 -21.16 -7.01 10.44
CA THR A 91 -20.02 -7.16 9.56
C THR A 91 -18.71 -7.30 10.35
N ALA A 92 -18.61 -6.67 11.52
CA ALA A 92 -17.42 -6.83 12.34
C ALA A 92 -17.27 -8.28 12.81
N MET A 93 -18.39 -8.95 13.09
CA MET A 93 -18.33 -10.38 13.41
C MET A 93 -17.96 -11.19 12.18
N LYS A 94 -18.62 -10.91 11.06
CA LYS A 94 -18.40 -11.68 9.83
C LYS A 94 -16.92 -11.66 9.42
N TYR A 95 -16.29 -10.49 9.45
CA TYR A 95 -14.90 -10.36 9.05
C TYR A 95 -13.94 -10.35 10.22
N SER A 96 -14.43 -10.67 11.42
CA SER A 96 -13.58 -10.82 12.60
C SER A 96 -12.63 -9.63 12.75
N VAL A 97 -13.24 -8.45 12.87
CA VAL A 97 -12.50 -7.18 12.79
C VAL A 97 -11.96 -6.88 14.18
N VAL A 98 -10.72 -7.30 14.43
CA VAL A 98 -10.09 -7.10 15.74
C VAL A 98 -10.14 -5.65 16.18
N PRO A 99 -9.73 -4.67 15.37
CA PRO A 99 -9.66 -3.29 15.90
C PRO A 99 -10.98 -2.75 16.40
N VAL A 100 -12.11 -3.18 15.82
CA VAL A 100 -13.41 -2.76 16.33
C VAL A 100 -13.61 -3.31 17.75
N TYR A 101 -13.29 -4.60 17.94
CA TYR A 101 -13.51 -5.22 19.24
C TYR A 101 -12.48 -4.77 20.27
N GLN A 102 -11.28 -4.36 19.85
CA GLN A 102 -10.35 -3.77 20.80
C GLN A 102 -10.92 -2.50 21.39
N GLU A 103 -11.58 -1.67 20.56
CA GLU A 103 -12.22 -0.47 21.07
C GLU A 103 -13.37 -0.80 22.01
N PHE A 104 -14.19 -1.80 21.66
CA PHE A 104 -15.22 -2.26 22.60
C PHE A 104 -14.61 -2.52 23.97
N ALA A 105 -13.54 -3.33 24.00
CA ALA A 105 -12.96 -3.73 25.28
C ALA A 105 -12.46 -2.52 26.06
N ARG A 106 -11.81 -1.57 25.37
CA ARG A 106 -11.32 -0.38 26.06
C ARG A 106 -12.46 0.41 26.68
N GLN A 107 -13.59 0.52 25.97
CA GLN A 107 -14.74 1.22 26.52
C GLN A 107 -15.41 0.39 27.62
N ILE A 108 -15.40 -0.93 27.49
CA ILE A 108 -15.92 -1.79 28.56
C ILE A 108 -15.12 -1.59 29.85
N GLY A 109 -13.80 -1.71 29.76
CA GLY A 109 -12.94 -1.53 30.90
C GLY A 109 -12.64 -2.84 31.61
N GLU A 110 -11.53 -2.84 32.36
CA GLU A 110 -11.08 -4.06 33.01
C GLU A 110 -12.11 -4.59 34.01
N ALA A 111 -12.61 -3.70 34.87
CA ALA A 111 -13.48 -4.14 35.96
C ALA A 111 -14.76 -4.78 35.44
N ARG A 112 -15.46 -4.11 34.53
CA ARG A 112 -16.71 -4.65 34.03
C ARG A 112 -16.49 -5.90 33.17
N MET A 113 -15.40 -5.92 32.41
CA MET A 113 -15.07 -7.11 31.63
C MET A 113 -14.86 -8.31 32.55
N SER A 114 -14.08 -8.12 33.62
CA SER A 114 -13.83 -9.22 34.55
C SER A 114 -15.12 -9.67 35.21
N LYS A 115 -15.93 -8.70 35.66
CA LYS A 115 -17.19 -9.02 36.32
C LYS A 115 -18.09 -9.85 35.41
N MET A 116 -18.13 -9.51 34.13
CA MET A 116 -19.02 -10.17 33.16
C MET A 116 -18.55 -11.58 32.81
N LEU A 117 -17.24 -11.77 32.63
CA LEU A 117 -16.75 -13.10 32.29
C LEU A 117 -16.95 -14.08 33.44
N HIS A 118 -16.91 -13.60 34.68
CA HIS A 118 -17.24 -14.48 35.80
C HIS A 118 -18.72 -14.81 35.82
N ALA A 119 -19.58 -13.81 35.57
CA ALA A 119 -21.01 -14.07 35.48
C ALA A 119 -21.32 -15.07 34.38
N PHE A 120 -20.56 -15.04 33.28
CA PHE A 120 -20.73 -15.98 32.20
C PHE A 120 -20.10 -17.33 32.48
N ASP A 121 -19.31 -17.45 33.56
CA ASP A 121 -18.57 -18.67 33.82
C ASP A 121 -17.71 -19.05 32.61
N TYR A 122 -17.12 -18.04 31.99
CA TYR A 122 -16.45 -18.18 30.69
C TYR A 122 -15.00 -18.59 30.90
N GLY A 123 -14.67 -19.84 30.55
CA GLY A 123 -13.29 -20.29 30.60
C GLY A 123 -12.71 -20.14 32.00
N ASN A 124 -11.44 -19.77 32.05
CA ASN A 124 -10.78 -19.52 33.32
C ASN A 124 -11.10 -18.14 33.88
N GLU A 125 -11.87 -17.32 33.15
CA GLU A 125 -12.35 -16.03 33.63
C GLU A 125 -11.20 -15.06 33.94
N ASP A 126 -10.04 -15.27 33.32
CA ASP A 126 -8.84 -14.50 33.62
C ASP A 126 -8.55 -13.56 32.46
N ILE A 127 -8.63 -12.25 32.71
CA ILE A 127 -8.39 -11.25 31.68
C ILE A 127 -7.00 -10.63 31.82
N SER A 128 -6.09 -11.30 32.53
CA SER A 128 -4.76 -10.75 32.76
C SER A 128 -4.10 -10.40 31.42
N GLY A 129 -3.39 -9.27 31.43
CA GLY A 129 -2.81 -8.73 30.22
C GLY A 129 -3.43 -7.40 29.87
N ASN A 130 -3.30 -6.98 28.61
CA ASN A 130 -3.90 -5.73 28.16
C ASN A 130 -5.38 -5.91 27.91
N VAL A 131 -6.17 -4.94 28.36
CA VAL A 131 -7.62 -5.01 28.25
C VAL A 131 -8.06 -5.09 26.79
N ASP A 132 -7.25 -4.59 25.86
CA ASP A 132 -7.62 -4.57 24.45
C ASP A 132 -6.93 -5.65 23.64
N SER A 133 -6.33 -6.65 24.28
CA SER A 133 -5.75 -7.75 23.54
C SER A 133 -5.65 -9.05 24.34
N PHE A 134 -6.24 -9.13 25.55
CA PHE A 134 -5.99 -10.28 26.40
C PHE A 134 -6.51 -11.58 25.79
N TRP A 135 -7.51 -11.51 24.92
CA TRP A 135 -8.02 -12.69 24.26
C TRP A 135 -7.12 -13.16 23.12
N LEU A 136 -6.09 -12.39 22.77
CA LEU A 136 -5.14 -12.77 21.75
C LEU A 136 -3.77 -13.15 22.29
N ASP A 137 -3.34 -12.54 23.40
CA ASP A 137 -2.03 -12.82 23.97
C ASP A 137 -2.00 -12.61 25.48
N GLY A 138 -3.16 -12.70 26.13
CA GLY A 138 -3.23 -12.55 27.57
C GLY A 138 -3.44 -13.87 28.28
N GLY A 139 -4.06 -13.84 29.46
CA GLY A 139 -4.17 -15.01 30.29
C GLY A 139 -5.45 -15.81 30.14
N ILE A 140 -6.41 -15.34 29.34
CA ILE A 140 -7.70 -16.03 29.25
C ILE A 140 -7.53 -17.32 28.47
N ARG A 141 -8.20 -18.37 28.93
CA ARG A 141 -8.15 -19.69 28.33
C ARG A 141 -9.53 -20.31 28.38
N ILE A 142 -9.86 -21.09 27.35
CA ILE A 142 -11.14 -21.79 27.30
C ILE A 142 -10.96 -23.06 26.49
N SER A 143 -11.63 -24.13 26.92
CA SER A 143 -11.59 -25.41 26.24
C SER A 143 -12.82 -25.57 25.35
N ALA A 144 -12.78 -26.61 24.51
CA ALA A 144 -13.91 -26.88 23.62
C ALA A 144 -15.17 -27.23 24.40
N THR A 145 -15.05 -28.08 25.42
CA THR A 145 -16.25 -28.41 26.21
C THR A 145 -16.75 -27.18 26.96
N GLU A 146 -15.84 -26.29 27.36
CA GLU A 146 -16.26 -25.06 28.03
C GLU A 146 -16.97 -24.11 27.06
N GLN A 147 -16.55 -24.10 25.79
CA GLN A 147 -17.27 -23.33 24.78
C GLN A 147 -18.71 -23.83 24.65
N ILE A 148 -18.91 -25.16 24.66
CA ILE A 148 -20.25 -25.72 24.53
C ILE A 148 -21.15 -25.21 25.64
N SER A 149 -20.69 -25.34 26.90
CA SER A 149 -21.49 -24.90 28.03
C SER A 149 -21.89 -23.43 27.90
N PHE A 150 -20.96 -22.59 27.46
CA PHE A 150 -21.26 -21.18 27.25
C PHE A 150 -22.30 -20.99 26.15
N LEU A 151 -22.12 -21.70 25.04
CA LEU A 151 -23.04 -21.54 23.91
C LEU A 151 -24.45 -22.02 24.25
N ARG A 152 -24.56 -23.12 25.02
CA ARG A 152 -25.89 -23.61 25.40
C ARG A 152 -26.64 -22.58 26.23
N LYS A 153 -25.93 -21.89 27.13
CA LYS A 153 -26.55 -20.84 27.91
C LYS A 153 -27.03 -19.71 27.01
N LEU A 154 -26.20 -19.31 26.04
CA LEU A 154 -26.59 -18.28 25.09
C LEU A 154 -27.83 -18.70 24.31
N TYR A 155 -27.83 -19.93 23.79
CA TYR A 155 -28.97 -20.40 23.02
C TYR A 155 -30.27 -20.26 23.81
N HIS A 156 -30.26 -20.63 25.09
CA HIS A 156 -31.45 -20.61 25.91
C HIS A 156 -31.69 -19.27 26.59
N ASN A 157 -30.92 -18.24 26.24
CA ASN A 157 -31.06 -16.91 26.83
C ASN A 157 -30.82 -16.92 28.34
N LYS A 158 -29.92 -17.79 28.81
CA LYS A 158 -29.67 -17.95 30.24
C LYS A 158 -28.45 -17.17 30.74
N LEU A 159 -27.68 -16.55 29.86
CA LEU A 159 -26.57 -15.73 30.32
C LEU A 159 -27.08 -14.50 31.05
N HIS A 160 -26.25 -13.97 31.96
CA HIS A 160 -26.68 -12.88 32.82
C HIS A 160 -26.57 -11.54 32.10
N VAL A 161 -27.21 -11.45 30.92
CA VAL A 161 -27.43 -10.19 30.24
C VAL A 161 -28.87 -10.24 29.73
N SER A 162 -29.33 -9.11 29.16
CA SER A 162 -30.71 -9.04 28.73
C SER A 162 -30.98 -10.05 27.60
N GLU A 163 -32.25 -10.43 27.47
CA GLU A 163 -32.64 -11.26 26.34
C GLU A 163 -32.31 -10.56 25.02
N ARG A 164 -32.52 -9.25 24.95
CA ARG A 164 -32.21 -8.49 23.74
C ARG A 164 -30.75 -8.64 23.34
N SER A 165 -29.83 -8.47 24.31
CA SER A 165 -28.41 -8.58 24.00
C SER A 165 -28.09 -9.95 23.42
N GLN A 166 -28.68 -11.01 23.99
CA GLN A 166 -28.40 -12.36 23.51
C GLN A 166 -29.03 -12.61 22.15
N ARG A 167 -30.23 -12.07 21.90
CA ARG A 167 -30.84 -12.22 20.58
C ARG A 167 -30.01 -11.52 19.50
N ILE A 168 -29.47 -10.34 19.81
CA ILE A 168 -28.70 -9.61 18.82
C ILE A 168 -27.41 -10.37 18.47
N VAL A 169 -26.73 -10.91 19.49
CA VAL A 169 -25.50 -11.63 19.23
C VAL A 169 -25.75 -12.89 18.43
N LYS A 170 -26.84 -13.61 18.74
CA LYS A 170 -27.17 -14.80 17.97
C LYS A 170 -27.50 -14.45 16.51
N GLN A 171 -28.12 -13.30 16.29
CA GLN A 171 -28.27 -12.80 14.92
C GLN A 171 -26.90 -12.58 14.29
N ALA A 172 -25.99 -11.92 15.01
CA ALA A 172 -24.67 -11.63 14.48
C ALA A 172 -23.85 -12.90 14.23
N MET A 173 -24.17 -14.00 14.91
CA MET A 173 -23.49 -15.26 14.70
C MET A 173 -23.97 -16.01 13.46
N LEU A 174 -25.03 -15.54 12.82
CA LEU A 174 -25.59 -16.25 11.66
C LEU A 174 -24.52 -16.44 10.60
N THR A 175 -24.28 -17.69 10.23
CA THR A 175 -23.24 -18.05 9.27
C THR A 175 -23.79 -18.71 8.01
N GLU A 176 -24.77 -19.60 8.15
CA GLU A 176 -25.28 -20.35 7.01
C GLU A 176 -26.72 -20.74 7.29
N ALA A 177 -27.54 -20.70 6.24
CA ALA A 177 -28.94 -21.10 6.37
C ALA A 177 -29.46 -21.57 5.02
N ASN A 178 -30.17 -22.69 5.04
CA ASN A 178 -30.84 -23.22 3.85
C ASN A 178 -32.08 -23.97 4.33
N GLY A 179 -32.73 -24.68 3.41
CA GLY A 179 -33.91 -25.43 3.76
C GLY A 179 -33.66 -26.58 4.73
N ASP A 180 -32.40 -26.95 4.96
CA ASP A 180 -32.09 -28.12 5.78
C ASP A 180 -31.60 -27.77 7.18
N TYR A 181 -30.87 -26.67 7.35
CA TYR A 181 -30.30 -26.36 8.66
C TYR A 181 -29.91 -24.89 8.71
N ILE A 182 -29.66 -24.42 9.93
CA ILE A 182 -29.11 -23.11 10.19
C ILE A 182 -27.88 -23.28 11.07
N ILE A 183 -26.78 -22.62 10.71
CA ILE A 183 -25.57 -22.61 11.53
C ILE A 183 -25.35 -21.21 12.05
N ARG A 184 -25.22 -21.09 13.37
CA ARG A 184 -24.76 -19.87 14.04
C ARG A 184 -23.45 -20.22 14.73
N ALA A 185 -22.39 -19.49 14.41
CA ALA A 185 -21.05 -19.91 14.81
C ALA A 185 -20.10 -18.72 14.73
N LYS A 186 -18.90 -18.92 15.26
CA LYS A 186 -17.83 -17.94 15.19
C LYS A 186 -16.50 -18.65 15.04
N THR A 187 -15.68 -18.18 14.11
CA THR A 187 -14.34 -18.72 13.90
C THR A 187 -13.34 -18.06 14.84
N GLY A 188 -12.22 -18.73 15.05
CA GLY A 188 -11.12 -18.18 15.82
C GLY A 188 -9.79 -18.61 15.22
N TYR A 189 -8.79 -17.74 15.37
CA TYR A 189 -7.46 -17.99 14.85
C TYR A 189 -6.45 -17.42 15.84
N SER A 190 -5.78 -18.30 16.59
CA SER A 190 -4.86 -17.91 17.65
C SER A 190 -3.42 -18.17 17.19
N THR A 191 -2.61 -17.11 17.13
CA THR A 191 -1.24 -17.21 16.64
C THR A 191 -0.16 -16.70 17.59
N ARG A 192 -0.50 -15.87 18.58
CA ARG A 192 0.54 -15.20 19.36
C ARG A 192 1.20 -16.08 20.41
N ILE A 193 0.57 -17.19 20.78
CA ILE A 193 1.14 -18.14 21.74
C ILE A 193 0.95 -19.54 21.19
N GLU A 194 1.98 -20.37 21.34
CA GLU A 194 1.90 -21.73 20.86
C GLU A 194 0.98 -22.56 21.76
N PRO A 195 0.28 -23.57 21.21
CA PRO A 195 0.29 -23.90 19.78
C PRO A 195 -0.67 -22.99 19.01
N LYS A 196 -0.30 -22.64 17.77
CA LYS A 196 -1.22 -21.89 16.92
C LYS A 196 -2.39 -22.78 16.54
N ILE A 197 -3.61 -22.29 16.74
CA ILE A 197 -4.80 -23.08 16.50
C ILE A 197 -5.86 -22.26 15.78
N GLY A 198 -6.79 -22.98 15.14
CA GLY A 198 -8.02 -22.39 14.64
C GLY A 198 -9.20 -22.94 15.42
N TRP A 199 -10.22 -22.12 15.58
CA TRP A 199 -11.45 -22.48 16.28
C TRP A 199 -12.64 -22.43 15.31
N TRP A 200 -13.64 -23.25 15.59
CA TRP A 200 -14.99 -23.01 15.08
C TRP A 200 -15.96 -23.52 16.13
N VAL A 201 -16.79 -22.62 16.66
CA VAL A 201 -17.73 -22.95 17.72
C VAL A 201 -19.10 -22.39 17.35
N GLY A 202 -20.15 -23.10 17.69
CA GLY A 202 -21.51 -22.67 17.39
C GLY A 202 -22.48 -23.83 17.55
N TRP A 203 -23.54 -23.80 16.74
CA TRP A 203 -24.52 -24.88 16.77
C TRP A 203 -25.24 -24.97 15.44
N VAL A 204 -25.94 -26.08 15.25
CA VAL A 204 -26.69 -26.39 14.05
C VAL A 204 -28.15 -26.54 14.45
N GLU A 205 -29.00 -25.70 13.90
CA GLU A 205 -30.42 -25.74 14.20
C GLU A 205 -31.14 -26.63 13.18
N LEU A 206 -31.85 -27.64 13.67
CA LEU A 206 -32.71 -28.48 12.86
C LEU A 206 -34.16 -28.22 13.21
N ASP A 207 -35.07 -28.82 12.42
CA ASP A 207 -36.49 -28.65 12.67
C ASP A 207 -36.85 -29.02 14.12
N ASP A 208 -36.25 -30.09 14.64
CA ASP A 208 -36.68 -30.67 15.91
C ASP A 208 -35.53 -30.92 16.88
N ASN A 209 -34.36 -30.35 16.66
CA ASN A 209 -33.23 -30.55 17.55
C ASN A 209 -32.16 -29.50 17.25
N VAL A 210 -31.20 -29.38 18.15
CA VAL A 210 -30.06 -28.51 17.96
C VAL A 210 -28.80 -29.27 18.39
N TRP A 211 -27.77 -29.22 17.54
CA TRP A 211 -26.47 -29.82 17.81
C TRP A 211 -25.46 -28.71 18.02
N PHE A 212 -24.98 -28.55 19.25
CA PHE A 212 -23.87 -27.65 19.51
C PHE A 212 -22.56 -28.31 19.11
N PHE A 213 -21.61 -27.49 18.67
CA PHE A 213 -20.29 -27.98 18.30
C PHE A 213 -19.22 -27.00 18.73
N ALA A 214 -18.02 -27.54 18.96
CA ALA A 214 -16.85 -26.75 19.25
C ALA A 214 -15.63 -27.56 18.83
N MET A 215 -14.85 -27.00 17.91
CA MET A 215 -13.66 -27.66 17.40
C MET A 215 -12.48 -26.71 17.46
N ASN A 216 -11.30 -27.26 17.69
CA ASN A 216 -10.07 -26.55 17.43
C ASN A 216 -9.06 -27.50 16.82
N MET A 217 -8.10 -26.94 16.10
CA MET A 217 -7.10 -27.73 15.40
C MET A 217 -5.81 -26.94 15.30
N ASP A 218 -4.69 -27.65 15.23
CA ASP A 218 -3.41 -27.00 15.01
C ASP A 218 -3.43 -26.25 13.69
N MET A 219 -2.86 -25.04 13.69
CA MET A 219 -2.88 -24.16 12.53
C MET A 219 -1.49 -23.54 12.36
N PRO A 220 -0.54 -24.32 11.83
CA PRO A 220 0.82 -23.77 11.65
C PRO A 220 0.88 -22.60 10.69
N THR A 221 0.01 -22.57 9.67
CA THR A 221 -0.06 -21.43 8.75
C THR A 221 -1.52 -21.16 8.45
N SER A 222 -1.78 -19.97 7.89
CA SER A 222 -3.15 -19.59 7.54
C SER A 222 -3.70 -20.37 6.36
N ASP A 223 -2.88 -21.16 5.68
CA ASP A 223 -3.34 -21.90 4.50
C ASP A 223 -4.44 -22.88 4.84
N GLY A 224 -4.48 -23.38 6.07
CA GLY A 224 -5.43 -24.40 6.47
C GLY A 224 -6.66 -23.89 7.20
N LEU A 225 -6.93 -22.59 7.18
CA LEU A 225 -8.05 -22.05 7.93
C LEU A 225 -9.37 -22.63 7.48
N GLY A 226 -9.52 -22.92 6.18
CA GLY A 226 -10.76 -23.47 5.68
C GLY A 226 -11.09 -24.83 6.26
N LEU A 227 -10.10 -25.56 6.77
CA LEU A 227 -10.34 -26.87 7.36
C LEU A 227 -11.14 -26.79 8.65
N ARG A 228 -11.16 -25.63 9.31
CA ARG A 228 -11.98 -25.48 10.51
C ARG A 228 -13.44 -25.84 10.21
N GLN A 229 -14.00 -25.23 9.16
CA GLN A 229 -15.39 -25.52 8.81
C GLN A 229 -15.51 -26.84 8.05
N ALA A 230 -14.56 -27.13 7.16
CA ALA A 230 -14.66 -28.32 6.34
C ALA A 230 -14.60 -29.59 7.18
N ILE A 231 -13.69 -29.64 8.16
CA ILE A 231 -13.60 -30.82 9.02
C ILE A 231 -14.86 -30.96 9.86
N THR A 232 -15.34 -29.86 10.42
CA THR A 232 -16.56 -29.91 11.23
C THR A 232 -17.73 -30.44 10.41
N LYS A 233 -17.92 -29.91 9.20
CA LYS A 233 -19.02 -30.36 8.36
C LYS A 233 -18.89 -31.83 7.98
N GLU A 234 -17.66 -32.29 7.73
CA GLU A 234 -17.47 -33.72 7.46
C GLU A 234 -17.95 -34.57 8.62
N VAL A 235 -17.67 -34.15 9.86
CA VAL A 235 -18.16 -34.88 11.02
C VAL A 235 -19.68 -34.83 11.05
N LEU A 236 -20.26 -33.64 10.83
CA LEU A 236 -21.71 -33.52 10.81
C LEU A 236 -22.32 -34.41 9.75
N LYS A 237 -21.71 -34.46 8.56
CA LYS A 237 -22.22 -35.32 7.50
C LYS A 237 -22.12 -36.79 7.89
N GLN A 238 -20.98 -37.20 8.46
CA GLN A 238 -20.81 -38.60 8.85
C GLN A 238 -21.90 -39.02 9.83
N GLU A 239 -22.17 -38.19 10.83
CA GLU A 239 -23.21 -38.49 11.80
C GLU A 239 -24.60 -38.17 11.28
N LYS A 240 -24.70 -37.83 9.99
CA LYS A 240 -25.98 -37.59 9.32
C LYS A 240 -26.79 -36.51 10.04
N ILE A 241 -26.08 -35.57 10.67
CA ILE A 241 -26.73 -34.41 11.27
C ILE A 241 -27.12 -33.42 10.17
N ILE A 242 -26.32 -33.33 9.12
CA ILE A 242 -26.67 -32.52 7.95
C ILE A 242 -26.46 -33.39 6.71
N PRO A 243 -27.20 -33.17 5.62
CA PRO A 243 -26.93 -33.91 4.38
C PRO A 243 -25.59 -33.52 3.75
N GLU B 2 24.88 19.23 6.28
CA GLU B 2 24.19 19.27 5.00
C GLU B 2 23.72 17.87 4.61
N TRP B 3 22.98 17.77 3.51
CA TRP B 3 22.50 16.48 3.01
C TRP B 3 22.71 16.43 1.50
N GLN B 4 22.75 15.21 0.97
CA GLN B 4 22.92 15.02 -0.46
C GLN B 4 22.19 13.75 -0.86
N GLU B 5 21.40 13.83 -1.93
CA GLU B 5 20.64 12.69 -2.42
C GLU B 5 21.44 11.98 -3.51
N ASN B 6 21.59 10.66 -3.35
CA ASN B 6 22.37 9.82 -4.26
C ASN B 6 21.46 8.70 -4.77
N LYS B 7 20.78 8.96 -5.89
CA LYS B 7 19.82 8.00 -6.43
C LYS B 7 20.47 6.75 -7.02
N SER B 8 21.79 6.75 -7.24
CA SER B 8 22.43 5.53 -7.71
C SER B 8 22.14 4.34 -6.78
N TRP B 9 21.97 4.60 -5.49
CA TRP B 9 21.68 3.54 -4.53
C TRP B 9 20.30 2.91 -4.74
N ASN B 10 19.38 3.59 -5.42
CA ASN B 10 18.07 2.97 -5.65
C ASN B 10 18.21 1.63 -6.34
N ALA B 11 19.27 1.45 -7.14
CA ALA B 11 19.50 0.17 -7.81
C ALA B 11 19.55 -0.98 -6.80
N HIS B 12 20.24 -0.79 -5.67
CA HIS B 12 20.35 -1.86 -4.68
C HIS B 12 19.00 -2.31 -4.18
N PHE B 13 18.00 -1.43 -4.18
CA PHE B 13 16.65 -1.83 -3.79
C PHE B 13 15.91 -2.47 -4.96
N THR B 14 15.97 -1.85 -6.15
CA THR B 14 15.22 -2.33 -7.30
C THR B 14 15.81 -3.61 -7.91
N GLU B 15 16.89 -4.14 -7.35
CA GLU B 15 17.44 -5.41 -7.82
C GLU B 15 16.89 -6.56 -6.99
N HIS B 16 16.55 -6.29 -5.74
CA HIS B 16 15.91 -7.27 -4.88
C HIS B 16 14.41 -6.95 -4.80
N SER B 18 12.30 -4.66 -4.26
CA SER B 18 11.80 -4.00 -3.06
C SER B 18 12.06 -2.51 -3.10
N GLN B 19 11.58 -1.81 -2.07
CA GLN B 19 11.68 -0.37 -1.94
C GLN B 19 12.09 0.00 -0.53
N GLY B 20 12.97 0.99 -0.41
CA GLY B 20 13.44 1.39 0.90
C GLY B 20 14.36 2.59 0.80
N VAL B 21 14.96 2.93 1.93
CA VAL B 21 15.86 4.06 2.04
C VAL B 21 17.09 3.65 2.84
N VAL B 22 18.24 4.16 2.43
CA VAL B 22 19.47 4.09 3.22
C VAL B 22 19.92 5.51 3.50
N VAL B 23 20.26 5.80 4.75
CA VAL B 23 20.79 7.09 5.17
C VAL B 23 22.15 6.85 5.78
N LEU B 24 23.17 7.53 5.26
CA LEU B 24 24.53 7.45 5.78
C LEU B 24 24.94 8.81 6.31
N TRP B 25 25.78 8.81 7.35
CA TRP B 25 26.29 10.05 7.92
C TRP B 25 27.79 9.91 8.16
N ASN B 26 28.57 10.77 7.51
CA ASN B 26 30.02 10.83 7.68
C ASN B 26 30.32 11.75 8.86
N GLU B 27 30.80 11.16 9.96
CA GLU B 27 30.98 11.95 11.18
C GLU B 27 32.11 12.96 11.03
N ASN B 28 33.23 12.55 10.45
CA ASN B 28 34.36 13.47 10.27
C ASN B 28 33.94 14.69 9.45
N LYS B 29 33.31 14.45 8.31
CA LYS B 29 32.91 15.55 7.43
C LYS B 29 31.58 16.17 7.82
N GLN B 30 30.82 15.56 8.71
CA GLN B 30 29.50 16.07 9.10
C GLN B 30 28.62 16.24 7.87
N GLN B 31 28.54 15.18 7.07
CA GLN B 31 27.75 15.17 5.84
C GLN B 31 26.88 13.92 5.78
N GLY B 32 25.66 14.11 5.31
CA GLY B 32 24.70 13.01 5.18
C GLY B 32 24.42 12.66 3.73
N PHE B 33 23.99 11.42 3.49
CA PHE B 33 23.71 10.94 2.14
C PHE B 33 22.52 9.99 2.20
N THR B 34 21.69 10.01 1.16
CA THR B 34 20.55 9.10 1.11
C THR B 34 20.12 8.93 -0.34
N ASN B 35 19.43 7.82 -0.60
CA ASN B 35 18.83 7.59 -1.91
C ASN B 35 17.47 8.25 -2.06
N ASN B 36 16.82 8.61 -0.95
CA ASN B 36 15.43 9.06 -0.99
C ASN B 36 15.21 9.99 0.19
N LEU B 37 15.33 11.30 -0.07
CA LEU B 37 15.19 12.29 1.00
C LEU B 37 13.79 12.28 1.61
N LYS B 38 12.77 11.96 0.80
CA LYS B 38 11.42 11.91 1.33
C LYS B 38 11.25 10.74 2.29
N ARG B 39 11.59 9.53 1.85
CA ARG B 39 11.44 8.38 2.73
C ARG B 39 12.38 8.46 3.93
N ALA B 40 13.54 9.11 3.76
CA ALA B 40 14.46 9.29 4.88
C ALA B 40 13.80 10.02 6.04
N ASN B 41 12.81 10.86 5.78
CA ASN B 41 12.11 11.61 6.82
C ASN B 41 10.70 11.10 7.09
N GLN B 42 10.32 9.97 6.51
CA GLN B 42 9.05 9.33 6.83
C GLN B 42 9.18 8.49 8.09
N ALA B 43 8.23 8.63 9.00
CA ALA B 43 8.28 8.03 10.33
C ALA B 43 7.53 6.70 10.34
N PHE B 44 8.19 5.66 10.85
CA PHE B 44 7.62 4.32 10.96
C PHE B 44 7.68 3.86 12.40
N LEU B 45 6.96 2.77 12.69
CA LEU B 45 7.14 2.09 13.95
C LEU B 45 8.61 1.67 14.11
N PRO B 46 9.23 1.89 15.26
CA PRO B 46 10.63 1.47 15.42
C PRO B 46 10.79 -0.03 15.58
N ALA B 47 9.75 -0.73 16.03
CA ALA B 47 9.84 -2.17 16.28
C ALA B 47 11.07 -2.46 17.13
N SER B 48 11.85 -3.49 16.78
CA SER B 48 12.92 -3.94 17.66
C SER B 48 14.11 -2.98 17.72
N THR B 49 14.20 -1.99 16.83
CA THR B 49 15.22 -0.97 17.03
C THR B 49 14.99 -0.19 18.31
N PHE B 50 13.77 -0.24 18.85
CA PHE B 50 13.45 0.43 20.10
C PHE B 50 14.14 -0.23 21.30
N KCX B 51 14.71 -1.41 21.10
CA KCX B 51 15.42 -2.09 22.17
CB KCX B 51 15.77 -3.51 21.76
CG KCX B 51 14.55 -4.44 21.76
CD KCX B 51 14.89 -5.87 21.39
CE KCX B 51 13.67 -6.79 21.44
NZ KCX B 51 12.65 -6.48 20.39
C KCX B 51 16.67 -1.31 22.58
O KCX B 51 17.22 -1.54 23.66
CX KCX B 51 11.53 -5.80 20.66
OQ1 KCX B 51 11.30 -5.42 21.81
OQ2 KCX B 51 10.72 -5.57 19.75
H KCX B 51 14.71 -1.84 20.34
HA KCX B 51 14.82 -2.13 22.96
HB2 KCX B 51 16.13 -3.51 20.87
HG2 KCX B 51 14.15 -4.45 22.65
HD2 KCX B 51 15.25 -5.89 20.48
HE2 KCX B 51 13.24 -6.69 22.30
N ILE B 52 17.12 -0.38 21.74
CA ILE B 52 18.24 0.48 22.09
C ILE B 52 17.82 1.43 23.21
N PRO B 53 16.85 2.31 22.95
CA PRO B 53 16.41 3.21 24.05
C PRO B 53 15.83 2.45 25.23
N ASN B 54 15.10 1.35 24.97
CA ASN B 54 14.53 0.57 26.06
C ASN B 54 15.63 0.03 26.97
N SER B 55 16.72 -0.49 26.39
CA SER B 55 17.85 -0.96 27.19
C SER B 55 18.45 0.17 28.02
N LEU B 56 18.67 1.33 27.38
CA LEU B 56 19.24 2.48 28.09
C LEU B 56 18.41 2.84 29.32
N ILE B 57 17.10 2.91 29.15
CA ILE B 57 16.23 3.32 30.25
C ILE B 57 16.24 2.26 31.35
N ALA B 58 16.11 0.99 30.97
CA ALA B 58 16.11 -0.08 31.95
C ALA B 58 17.40 -0.08 32.76
N LEU B 59 18.54 0.17 32.11
CA LEU B 59 19.82 0.18 32.82
C LEU B 59 19.94 1.38 33.76
N ASP B 60 19.55 2.56 33.30
CA ASP B 60 19.75 3.77 34.10
C ASP B 60 18.82 3.83 35.30
N LEU B 61 17.68 3.15 35.24
CA LEU B 61 16.73 3.13 36.35
C LEU B 61 16.96 1.96 37.30
N GLY B 62 17.88 1.06 36.99
CA GLY B 62 18.13 -0.09 37.83
C GLY B 62 17.24 -1.27 37.56
N VAL B 63 16.31 -1.16 36.61
CA VAL B 63 15.50 -2.32 36.21
C VAL B 63 16.41 -3.45 35.74
N VAL B 64 17.48 -3.10 35.04
CA VAL B 64 18.53 -4.05 34.63
C VAL B 64 19.80 -3.64 35.35
N LYS B 65 20.36 -4.57 36.12
CA LYS B 65 21.54 -4.28 36.92
C LYS B 65 22.79 -4.18 36.06
N ASP B 66 23.01 -5.16 35.19
CA ASP B 66 24.15 -5.14 34.30
C ASP B 66 23.88 -6.11 33.16
N GLU B 67 24.85 -6.21 32.25
CA GLU B 67 24.67 -7.06 31.08
C GLU B 67 24.75 -8.54 31.39
N HIS B 68 25.00 -8.91 32.65
CA HIS B 68 25.07 -10.31 33.06
C HIS B 68 23.80 -10.79 33.73
N GLN B 69 22.98 -9.89 34.26
CA GLN B 69 21.75 -10.27 34.94
C GLN B 69 20.91 -11.16 34.05
N VAL B 70 20.39 -12.24 34.64
CA VAL B 70 19.64 -13.25 33.91
C VAL B 70 18.17 -12.93 34.01
N PHE B 71 17.48 -12.96 32.86
CA PHE B 71 16.04 -12.81 32.81
C PHE B 71 15.48 -14.17 32.43
N LYS B 72 14.92 -14.86 33.40
CA LYS B 72 14.57 -16.26 33.21
C LYS B 72 13.34 -16.38 32.32
N TRP B 73 13.37 -17.37 31.44
CA TRP B 73 12.23 -17.70 30.59
C TRP B 73 11.00 -17.96 31.44
N ASP B 74 9.87 -17.37 31.04
CA ASP B 74 8.62 -17.53 31.77
C ASP B 74 7.93 -18.86 31.50
N GLY B 75 8.58 -19.80 30.80
CA GLY B 75 8.01 -21.12 30.59
C GLY B 75 6.93 -21.20 29.54
N GLN B 76 6.60 -20.10 28.87
CA GLN B 76 5.60 -20.09 27.82
C GLN B 76 6.27 -20.31 26.47
N THR B 77 5.93 -21.41 25.81
CA THR B 77 6.56 -21.76 24.54
C THR B 77 6.08 -20.82 23.44
N ARG B 78 7.02 -20.12 22.82
CA ARG B 78 6.74 -19.27 21.68
C ARG B 78 7.40 -19.83 20.42
N ASP B 79 6.94 -19.35 19.26
CA ASP B 79 7.37 -19.94 17.99
C ASP B 79 8.80 -19.59 17.62
N ILE B 80 9.49 -18.75 18.38
CA ILE B 80 10.89 -18.42 18.14
C ILE B 80 11.69 -19.23 19.16
N ALA B 81 12.33 -20.30 18.69
CA ALA B 81 13.01 -21.23 19.59
C ALA B 81 13.98 -20.50 20.51
N THR B 82 14.77 -19.56 19.96
CA THR B 82 15.75 -18.86 20.78
C THR B 82 15.12 -17.97 21.84
N TRP B 83 13.81 -17.69 21.76
CA TRP B 83 13.13 -16.96 22.82
C TRP B 83 12.79 -17.84 24.03
N ASN B 84 12.74 -19.16 23.85
CA ASN B 84 12.35 -20.08 24.92
C ASN B 84 13.57 -20.50 25.73
N ARG B 85 14.23 -19.51 26.32
CA ARG B 85 15.42 -19.75 27.13
C ARG B 85 15.66 -18.54 28.01
N ASP B 86 16.57 -18.71 28.97
CA ASP B 86 17.03 -17.58 29.77
C ASP B 86 17.87 -16.64 28.90
N HIS B 87 17.87 -15.37 29.27
CA HIS B 87 18.62 -14.36 28.54
C HIS B 87 19.24 -13.35 29.49
N ASN B 88 20.32 -12.74 29.04
CA ASN B 88 20.83 -11.50 29.60
C ASN B 88 20.68 -10.41 28.55
N LEU B 89 21.14 -9.21 28.88
CA LEU B 89 20.95 -8.08 27.96
C LEU B 89 21.62 -8.34 26.62
N ILE B 90 22.78 -8.99 26.63
CA ILE B 90 23.51 -9.24 25.39
C ILE B 90 22.72 -10.15 24.47
N THR B 91 22.27 -11.29 25.00
CA THR B 91 21.57 -12.26 24.15
C THR B 91 20.14 -11.81 23.85
N ALA B 92 19.49 -11.08 24.77
CA ALA B 92 18.16 -10.57 24.48
C ALA B 92 18.19 -9.59 23.32
N MET B 93 19.26 -8.79 23.22
CA MET B 93 19.46 -7.93 22.06
C MET B 93 19.77 -8.74 20.81
N LYS B 94 20.70 -9.69 20.93
CA LYS B 94 21.13 -10.47 19.78
C LYS B 94 19.95 -11.16 19.09
N TYR B 95 19.08 -11.79 19.88
CA TYR B 95 17.95 -12.53 19.34
C TYR B 95 16.65 -11.74 19.39
N SER B 96 16.73 -10.44 19.69
CA SER B 96 15.57 -9.55 19.63
C SER B 96 14.38 -10.15 20.37
N VAL B 97 14.60 -10.43 21.66
CA VAL B 97 13.67 -11.21 22.47
C VAL B 97 12.62 -10.24 23.00
N VAL B 98 11.51 -10.14 22.27
CA VAL B 98 10.44 -9.22 22.64
C VAL B 98 9.96 -9.44 24.08
N PRO B 99 9.61 -10.65 24.51
CA PRO B 99 9.03 -10.81 25.86
C PRO B 99 9.94 -10.32 26.97
N VAL B 100 11.25 -10.40 26.81
CA VAL B 100 12.16 -9.85 27.82
C VAL B 100 11.98 -8.34 27.90
N TYR B 101 11.94 -7.68 26.75
CA TYR B 101 11.83 -6.22 26.73
C TYR B 101 10.43 -5.75 27.09
N GLN B 102 9.42 -6.58 26.87
CA GLN B 102 8.09 -6.24 27.36
C GLN B 102 8.07 -6.16 28.87
N GLU B 103 8.77 -7.08 29.54
CA GLU B 103 8.88 -7.01 30.99
C GLU B 103 9.68 -5.80 31.42
N PHE B 104 10.78 -5.48 30.73
CA PHE B 104 11.48 -4.23 30.98
C PHE B 104 10.51 -3.06 30.99
N ALA B 105 9.71 -2.94 29.92
CA ALA B 105 8.82 -1.80 29.78
C ALA B 105 7.81 -1.74 30.92
N ARG B 106 7.25 -2.89 31.31
CA ARG B 106 6.29 -2.89 32.40
C ARG B 106 6.92 -2.43 33.70
N GLN B 107 8.16 -2.83 33.97
CA GLN B 107 8.84 -2.38 35.18
C GLN B 107 9.23 -0.91 35.09
N ILE B 108 9.59 -0.44 33.90
CA ILE B 108 9.87 0.98 33.71
C ILE B 108 8.62 1.80 33.99
N GLY B 109 7.50 1.44 33.37
CA GLY B 109 6.24 2.14 33.57
C GLY B 109 6.02 3.27 32.58
N GLU B 110 4.76 3.65 32.41
CA GLU B 110 4.41 4.67 31.43
C GLU B 110 5.11 5.99 31.71
N ALA B 111 5.03 6.47 32.96
CA ALA B 111 5.51 7.81 33.25
C ALA B 111 7.01 7.93 32.98
N ARG B 112 7.80 6.99 33.50
CA ARG B 112 9.25 7.08 33.32
C ARG B 112 9.64 6.84 31.86
N MET B 113 8.95 5.91 31.17
CA MET B 113 9.22 5.70 29.76
C MET B 113 8.99 6.98 28.96
N SER B 114 7.85 7.64 29.19
CA SER B 114 7.54 8.87 28.46
C SER B 114 8.57 9.95 28.75
N LYS B 115 8.89 10.14 30.04
CA LYS B 115 9.86 11.15 30.43
C LYS B 115 11.20 10.93 29.75
N MET B 116 11.64 9.67 29.64
CA MET B 116 12.97 9.41 29.11
C MET B 116 13.00 9.59 27.59
N LEU B 117 11.95 9.19 26.89
CA LEU B 117 11.93 9.37 25.44
C LEU B 117 11.88 10.84 25.06
N HIS B 118 11.29 11.69 25.91
CA HIS B 118 11.38 13.12 25.68
C HIS B 118 12.79 13.63 25.93
N ALA B 119 13.43 13.14 27.00
CA ALA B 119 14.82 13.50 27.26
C ALA B 119 15.72 13.08 26.10
N PHE B 120 15.41 11.94 25.47
CA PHE B 120 16.18 11.46 24.33
C PHE B 120 15.82 12.17 23.02
N ASP B 121 14.74 12.95 22.99
CA ASP B 121 14.26 13.54 21.74
C ASP B 121 14.03 12.45 20.69
N TYR B 122 13.49 11.32 21.14
CA TYR B 122 13.40 10.10 20.34
C TYR B 122 12.11 10.12 19.52
N GLY B 123 12.24 10.27 18.20
CA GLY B 123 11.09 10.18 17.33
C GLY B 123 10.04 11.19 17.69
N ASN B 124 8.76 10.78 17.58
CA ASN B 124 7.66 11.64 17.98
C ASN B 124 7.43 11.64 19.48
N GLU B 125 8.20 10.85 20.23
CA GLU B 125 8.16 10.87 21.69
C GLU B 125 6.78 10.47 22.25
N ASP B 126 6.02 9.71 21.47
CA ASP B 126 4.65 9.34 21.80
C ASP B 126 4.60 7.86 22.12
N ILE B 127 4.27 7.52 23.37
CA ILE B 127 4.18 6.12 23.79
C ILE B 127 2.73 5.63 23.84
N SER B 128 1.81 6.32 23.17
CA SER B 128 0.41 5.94 23.21
C SER B 128 0.23 4.49 22.84
N GLY B 129 -0.68 3.82 23.54
CA GLY B 129 -0.90 2.40 23.43
C GLY B 129 -0.57 1.68 24.72
N ASN B 130 -0.38 0.38 24.60
CA ASN B 130 0.01 -0.43 25.75
C ASN B 130 1.49 -0.26 26.06
N VAL B 131 1.79 -0.12 27.35
CA VAL B 131 3.17 0.14 27.77
C VAL B 131 4.12 -0.99 27.38
N ASP B 132 3.62 -2.22 27.19
CA ASP B 132 4.48 -3.34 26.85
C ASP B 132 4.38 -3.73 25.37
N SER B 133 3.83 -2.86 24.53
CA SER B 133 3.82 -3.15 23.10
C SER B 133 3.74 -1.90 22.23
N PHE B 134 3.86 -0.68 22.78
CA PHE B 134 3.62 0.51 21.97
C PHE B 134 4.61 0.64 20.83
N TRP B 135 5.81 0.09 20.97
CA TRP B 135 6.81 0.15 19.91
C TRP B 135 6.52 -0.85 18.79
N LEU B 136 5.54 -1.73 18.98
CA LEU B 136 5.13 -2.68 17.96
C LEU B 136 3.79 -2.36 17.32
N ASP B 137 2.86 -1.74 18.08
CA ASP B 137 1.54 -1.42 17.54
C ASP B 137 0.94 -0.21 18.24
N GLY B 138 1.77 0.68 18.78
CA GLY B 138 1.29 1.89 19.43
C GLY B 138 1.53 3.11 18.58
N GLY B 139 1.66 4.27 19.23
CA GLY B 139 1.74 5.53 18.51
C GLY B 139 3.14 6.04 18.23
N ILE B 140 4.17 5.37 18.74
CA ILE B 140 5.51 5.91 18.59
C ILE B 140 5.96 5.72 17.14
N ARG B 141 6.66 6.72 16.62
CA ARG B 141 7.13 6.74 15.25
C ARG B 141 8.51 7.38 15.22
N ILE B 142 9.35 6.91 14.31
CA ILE B 142 10.69 7.46 14.15
C ILE B 142 11.11 7.30 12.69
N SER B 143 11.81 8.29 12.17
CA SER B 143 12.34 8.25 10.81
C SER B 143 13.80 7.81 10.81
N ALA B 144 14.30 7.51 9.61
CA ALA B 144 15.69 7.09 9.47
C ALA B 144 16.64 8.21 9.89
N THR B 145 16.37 9.46 9.47
CA THR B 145 17.25 10.55 9.87
C THR B 145 17.18 10.79 11.38
N GLU B 146 16.01 10.56 11.99
CA GLU B 146 15.90 10.68 13.44
C GLU B 146 16.64 9.56 14.16
N GLN B 147 16.69 8.37 13.56
CA GLN B 147 17.52 7.31 14.13
C GLN B 147 18.99 7.74 14.17
N ILE B 148 19.46 8.40 13.10
CA ILE B 148 20.85 8.84 13.05
C ILE B 148 21.14 9.81 14.19
N SER B 149 20.30 10.84 14.34
CA SER B 149 20.50 11.83 15.39
C SER B 149 20.57 11.16 16.76
N PHE B 150 19.68 10.19 17.00
CA PHE B 150 19.72 9.47 18.28
C PHE B 150 21.01 8.67 18.42
N LEU B 151 21.41 7.96 17.36
CA LEU B 151 22.61 7.13 17.44
C LEU B 151 23.86 7.96 17.63
N ARG B 152 23.94 9.14 16.99
CA ARG B 152 25.11 9.99 17.19
C ARG B 152 25.21 10.44 18.64
N LYS B 153 24.08 10.75 19.25
CA LYS B 153 24.05 11.11 20.67
C LYS B 153 24.59 9.97 21.52
N LEU B 154 24.12 8.75 21.24
CA LEU B 154 24.59 7.58 21.98
C LEU B 154 26.08 7.37 21.79
N TYR B 155 26.56 7.44 20.55
CA TYR B 155 27.98 7.23 20.28
C TYR B 155 28.84 8.16 21.15
N HIS B 156 28.46 9.43 21.21
CA HIS B 156 29.25 10.43 21.94
C HIS B 156 28.91 10.50 23.42
N ASN B 157 28.10 9.58 23.93
CA ASN B 157 27.71 9.57 25.34
C ASN B 157 26.96 10.85 25.73
N LYS B 158 26.17 11.39 24.79
CA LYS B 158 25.48 12.66 25.00
C LYS B 158 24.03 12.49 25.41
N LEU B 159 23.49 11.27 25.42
CA LEU B 159 22.13 11.05 25.90
C LEU B 159 22.07 11.31 27.40
N HIS B 160 20.87 11.68 27.87
CA HIS B 160 20.68 12.06 29.27
C HIS B 160 20.50 10.82 30.15
N VAL B 161 21.49 9.92 30.07
CA VAL B 161 21.65 8.82 31.01
C VAL B 161 23.15 8.73 31.32
N SER B 162 23.50 7.88 32.28
CA SER B 162 24.89 7.78 32.68
C SER B 162 25.75 7.28 31.53
N GLU B 163 27.04 7.63 31.58
CA GLU B 163 27.98 7.08 30.62
C GLU B 163 27.99 5.55 30.68
N ARG B 164 27.89 4.98 31.88
CA ARG B 164 27.88 3.53 32.03
C ARG B 164 26.73 2.90 31.25
N SER B 165 25.52 3.44 31.40
CA SER B 165 24.38 2.90 30.69
C SER B 165 24.60 2.92 29.18
N GLN B 166 25.19 4.01 28.66
CA GLN B 166 25.42 4.12 27.24
C GLN B 166 26.53 3.17 26.78
N ARG B 167 27.57 3.00 27.59
CA ARG B 167 28.63 2.05 27.24
C ARG B 167 28.11 0.62 27.18
N ILE B 168 27.24 0.25 28.13
CA ILE B 168 26.73 -1.12 28.15
C ILE B 168 25.86 -1.40 26.93
N VAL B 169 25.00 -0.45 26.56
CA VAL B 169 24.12 -0.66 25.41
C VAL B 169 24.95 -0.75 24.14
N LYS B 170 25.98 0.09 24.00
CA LYS B 170 26.83 0.01 22.81
C LYS B 170 27.57 -1.32 22.76
N GLN B 171 27.94 -1.88 23.91
CA GLN B 171 28.46 -3.25 23.94
C GLN B 171 27.40 -4.21 23.43
N ALA B 172 26.17 -4.10 23.93
CA ALA B 172 25.10 -5.01 23.53
C ALA B 172 24.74 -4.86 22.05
N MET B 173 25.06 -3.72 21.45
CA MET B 173 24.81 -3.52 20.02
C MET B 173 25.86 -4.18 19.13
N LEU B 174 26.95 -4.69 19.70
CA LEU B 174 28.01 -5.28 18.89
C LEU B 174 27.45 -6.38 18.00
N THR B 175 27.65 -6.23 16.69
CA THR B 175 27.14 -7.16 15.69
C THR B 175 28.25 -7.84 14.91
N GLU B 176 29.30 -7.13 14.55
CA GLU B 176 30.35 -7.67 13.70
C GLU B 176 31.64 -6.92 13.97
N ALA B 177 32.75 -7.64 13.96
CA ALA B 177 34.06 -7.03 14.15
C ALA B 177 35.11 -7.89 13.46
N ASN B 178 36.01 -7.23 12.74
CA ASN B 178 37.13 -7.89 12.09
C ASN B 178 38.27 -6.89 12.04
N GLY B 179 39.34 -7.26 11.32
CA GLY B 179 40.49 -6.36 11.19
C GLY B 179 40.19 -5.07 10.45
N ASP B 180 39.05 -4.99 9.77
CA ASP B 180 38.75 -3.83 8.93
C ASP B 180 37.74 -2.86 9.54
N TYR B 181 36.76 -3.35 10.31
CA TYR B 181 35.73 -2.46 10.83
C TYR B 181 35.01 -3.14 11.99
N ILE B 182 34.24 -2.33 12.72
CA ILE B 182 33.33 -2.80 13.76
C ILE B 182 31.96 -2.24 13.45
N ILE B 183 30.93 -3.09 13.51
CA ILE B 183 29.55 -2.65 13.36
C ILE B 183 28.82 -2.83 14.68
N ARG B 184 28.22 -1.75 15.16
CA ARG B 184 27.28 -1.79 16.27
C ARG B 184 25.93 -1.33 15.72
N ALA B 185 24.91 -2.17 15.85
CA ALA B 185 23.66 -1.95 15.15
C ALA B 185 22.55 -2.76 15.82
N LYS B 186 21.32 -2.50 15.39
CA LYS B 186 20.15 -3.26 15.85
C LYS B 186 19.16 -3.40 14.70
N THR B 187 18.65 -4.62 14.52
CA THR B 187 17.65 -4.88 13.50
C THR B 187 16.25 -4.57 14.02
N GLY B 188 15.33 -4.37 13.08
CA GLY B 188 13.93 -4.20 13.41
C GLY B 188 13.04 -4.84 12.37
N TYR B 189 11.88 -5.30 12.82
CA TYR B 189 10.91 -5.96 11.95
C TYR B 189 9.51 -5.58 12.42
N SER B 190 8.83 -4.72 11.66
CA SER B 190 7.52 -4.19 12.02
C SER B 190 6.45 -4.81 11.14
N THR B 191 5.49 -5.51 11.77
CA THR B 191 4.45 -6.22 11.03
C THR B 191 3.02 -5.86 11.42
N ARG B 192 2.78 -5.27 12.58
CA ARG B 192 1.42 -5.12 13.07
C ARG B 192 0.66 -3.97 12.41
N ILE B 193 1.34 -3.03 11.78
CA ILE B 193 0.69 -1.92 11.09
C ILE B 193 1.37 -1.72 9.74
N GLU B 194 0.56 -1.49 8.71
CA GLU B 194 1.12 -1.28 7.39
C GLU B 194 1.81 0.09 7.31
N PRO B 195 2.86 0.21 6.49
CA PRO B 195 3.48 -0.87 5.70
C PRO B 195 4.43 -1.71 6.56
N LYS B 196 4.50 -3.01 6.30
CA LYS B 196 5.46 -3.86 6.98
C LYS B 196 6.86 -3.50 6.52
N ILE B 197 7.77 -3.27 7.47
CA ILE B 197 9.12 -2.84 7.14
C ILE B 197 10.15 -3.57 7.99
N GLY B 198 11.37 -3.60 7.49
CA GLY B 198 12.52 -4.02 8.25
C GLY B 198 13.44 -2.82 8.48
N TRP B 199 14.13 -2.83 9.61
CA TRP B 199 15.09 -1.78 9.97
C TRP B 199 16.47 -2.39 10.10
N TRP B 200 17.49 -1.57 9.82
CA TRP B 200 18.83 -1.81 10.34
C TRP B 200 19.45 -0.46 10.59
N VAL B 201 19.80 -0.18 11.84
CA VAL B 201 20.34 1.11 12.24
C VAL B 201 21.56 0.86 13.12
N GLY B 202 22.55 1.72 13.00
CA GLY B 202 23.77 1.58 13.78
C GLY B 202 24.89 2.43 13.20
N TRP B 203 26.11 1.96 13.34
CA TRP B 203 27.25 2.67 12.77
C TRP B 203 28.40 1.70 12.50
N VAL B 204 29.35 2.18 11.72
CA VAL B 204 30.53 1.42 11.31
C VAL B 204 31.76 2.17 11.82
N GLU B 205 32.53 1.53 12.67
CA GLU B 205 33.75 2.13 13.22
C GLU B 205 34.93 1.76 12.34
N LEU B 206 35.64 2.79 11.87
CA LEU B 206 36.91 2.64 11.16
C LEU B 206 38.02 3.18 12.04
N ASP B 207 39.26 2.98 11.59
CA ASP B 207 40.41 3.46 12.37
C ASP B 207 40.30 4.95 12.68
N ASP B 208 39.86 5.76 11.70
CA ASP B 208 39.93 7.21 11.83
C ASP B 208 38.61 7.89 11.49
N ASN B 209 37.50 7.16 11.44
CA ASN B 209 36.22 7.76 11.11
C ASN B 209 35.12 6.78 11.52
N VAL B 210 33.89 7.29 11.56
CA VAL B 210 32.72 6.49 11.85
C VAL B 210 31.60 6.89 10.89
N TRP B 211 30.96 5.90 10.27
CA TRP B 211 29.81 6.10 9.39
C TRP B 211 28.57 5.56 10.08
N PHE B 212 27.67 6.45 10.46
CA PHE B 212 26.37 6.04 10.94
C PHE B 212 25.47 5.68 9.76
N PHE B 213 24.56 4.74 9.98
CA PHE B 213 23.63 4.33 8.94
C PHE B 213 22.27 4.04 9.55
N ALA B 214 21.24 4.21 8.73
CA ALA B 214 19.87 3.86 9.12
C ALA B 214 19.10 3.55 7.84
N MET B 215 18.59 2.34 7.75
CA MET B 215 17.85 1.89 6.58
C MET B 215 16.52 1.28 7.03
N ASN B 216 15.52 1.45 6.19
CA ASN B 216 14.31 0.65 6.29
C ASN B 216 13.85 0.29 4.88
N MET B 217 13.09 -0.79 4.79
CA MET B 217 12.64 -1.31 3.51
C MET B 217 11.31 -2.02 3.70
N ASP B 218 10.50 -2.02 2.65
CA ASP B 218 9.27 -2.80 2.68
C ASP B 218 9.60 -4.27 2.88
N MET B 219 8.81 -4.93 3.72
CA MET B 219 9.05 -6.33 4.09
C MET B 219 7.72 -7.06 4.03
N PRO B 220 7.25 -7.40 2.83
CA PRO B 220 5.96 -8.10 2.72
C PRO B 220 5.96 -9.45 3.41
N THR B 221 7.09 -10.15 3.44
CA THR B 221 7.20 -11.41 4.15
C THR B 221 8.55 -11.47 4.84
N SER B 222 8.69 -12.40 5.79
CA SER B 222 9.93 -12.58 6.51
C SER B 222 11.03 -13.17 5.64
N ASP B 223 10.71 -13.62 4.42
CA ASP B 223 11.72 -14.23 3.56
C ASP B 223 12.84 -13.25 3.20
N GLY B 224 12.55 -11.96 3.20
CA GLY B 224 13.49 -10.95 2.77
C GLY B 224 14.23 -10.23 3.89
N LEU B 225 14.18 -10.76 5.12
CA LEU B 225 14.79 -10.06 6.25
C LEU B 225 16.30 -9.90 6.08
N GLY B 226 16.95 -10.86 5.44
CA GLY B 226 18.39 -10.77 5.24
C GLY B 226 18.82 -9.60 4.38
N LEU B 227 17.91 -9.09 3.56
CA LEU B 227 18.24 -7.95 2.70
C LEU B 227 18.50 -6.68 3.49
N ARG B 228 18.02 -6.62 4.73
CA ARG B 228 18.30 -5.45 5.58
C ARG B 228 19.81 -5.23 5.69
N GLN B 229 20.55 -6.28 6.05
CA GLN B 229 22.00 -6.15 6.18
C GLN B 229 22.70 -6.20 4.82
N ALA B 230 22.21 -7.06 3.91
CA ALA B 230 22.88 -7.21 2.63
C ALA B 230 22.81 -5.93 1.80
N ILE B 231 21.65 -5.28 1.78
CA ILE B 231 21.53 -4.04 1.00
C ILE B 231 22.39 -2.95 1.61
N THR B 232 22.38 -2.83 2.93
CA THR B 232 23.22 -1.83 3.60
C THR B 232 24.69 -2.06 3.27
N LYS B 233 25.15 -3.31 3.36
CA LYS B 233 26.54 -3.61 3.08
C LYS B 233 26.89 -3.32 1.63
N GLU B 234 25.96 -3.58 0.71
CA GLU B 234 26.20 -3.25 -0.69
C GLU B 234 26.47 -1.77 -0.87
N VAL B 235 25.70 -0.92 -0.17
CA VAL B 235 25.93 0.51 -0.22
C VAL B 235 27.29 0.85 0.37
N LEU B 236 27.60 0.28 1.55
CA LEU B 236 28.89 0.53 2.18
C LEU B 236 30.04 0.13 1.28
N LYS B 237 29.93 -1.02 0.61
CA LYS B 237 30.97 -1.44 -0.32
C LYS B 237 31.08 -0.48 -1.51
N GLN B 238 29.95 -0.07 -2.07
CA GLN B 238 29.99 0.84 -3.21
C GLN B 238 30.71 2.13 -2.86
N GLU B 239 30.40 2.69 -1.69
CA GLU B 239 31.03 3.92 -1.21
C GLU B 239 32.41 3.68 -0.63
N LYS B 240 32.96 2.47 -0.79
CA LYS B 240 34.32 2.17 -0.34
C LYS B 240 34.47 2.41 1.16
N ILE B 241 33.37 2.29 1.91
CA ILE B 241 33.45 2.41 3.36
C ILE B 241 33.96 1.11 3.98
N ILE B 242 33.60 -0.03 3.39
CA ILE B 242 34.12 -1.32 3.83
C ILE B 242 34.62 -2.08 2.60
N PRO B 243 35.56 -3.02 2.75
CA PRO B 243 35.97 -3.83 1.60
C PRO B 243 34.84 -4.70 1.06
N GLU C 2 19.14 22.82 4.03
CA GLU C 2 19.70 22.49 5.33
C GLU C 2 18.61 22.31 6.38
N TRP C 3 17.93 23.43 6.64
CA TRP C 3 16.84 23.63 7.57
C TRP C 3 17.34 24.35 8.82
N GLN C 4 16.43 25.08 9.48
CA GLN C 4 16.75 25.84 10.67
C GLN C 4 15.50 25.92 11.52
N GLU C 5 15.62 25.63 12.81
CA GLU C 5 14.49 25.70 13.72
C GLU C 5 14.48 27.05 14.41
N ASN C 6 13.34 27.74 14.35
CA ASN C 6 13.19 29.07 14.93
C ASN C 6 11.99 28.99 15.86
N LYS C 7 12.26 28.65 17.13
CA LYS C 7 11.18 28.50 18.11
C LYS C 7 10.53 29.83 18.47
N SER C 8 11.13 30.95 18.06
CA SER C 8 10.52 32.25 18.28
C SER C 8 9.10 32.30 17.73
N TRP C 9 8.84 31.58 16.64
CA TRP C 9 7.50 31.56 16.03
C TRP C 9 6.49 30.86 16.93
N ASN C 10 6.95 30.02 17.86
CA ASN C 10 6.02 29.34 18.78
C ASN C 10 5.17 30.33 19.54
N ALA C 11 5.68 31.54 19.80
CA ALA C 11 4.89 32.56 20.47
C ALA C 11 3.59 32.80 19.74
N HIS C 12 3.64 32.88 18.41
CA HIS C 12 2.43 33.11 17.62
C HIS C 12 1.42 31.99 17.82
N PHE C 13 1.88 30.77 18.12
CA PHE C 13 0.97 29.67 18.42
C PHE C 13 0.54 29.66 19.88
N THR C 14 1.49 29.77 20.80
CA THR C 14 1.19 29.67 22.23
C THR C 14 0.49 30.94 22.70
N GLU C 15 -0.46 31.43 21.92
CA GLU C 15 -1.21 32.64 22.22
C GLU C 15 -2.68 32.55 21.83
N HIS C 16 -3.03 31.84 20.77
CA HIS C 16 -4.42 31.62 20.39
C HIS C 16 -4.87 30.21 20.76
N SER C 18 -2.89 27.63 21.12
CA SER C 18 -3.01 26.54 20.16
C SER C 18 -1.65 25.93 19.87
N GLN C 19 -1.63 24.86 19.09
CA GLN C 19 -0.39 24.15 18.78
C GLN C 19 -0.35 23.83 17.30
N GLY C 20 0.81 24.03 16.69
CA GLY C 20 0.95 23.76 15.27
C GLY C 20 2.36 24.02 14.80
N VAL C 21 2.54 23.96 13.48
CA VAL C 21 3.85 24.15 12.85
C VAL C 21 3.68 25.05 11.63
N VAL C 22 4.67 25.90 11.40
CA VAL C 22 4.83 26.64 10.15
C VAL C 22 6.14 26.21 9.52
N VAL C 23 6.11 25.89 8.23
CA VAL C 23 7.28 25.53 7.47
C VAL C 23 7.41 26.52 6.31
N LEU C 24 8.57 27.17 6.23
CA LEU C 24 8.87 28.08 5.13
C LEU C 24 10.05 27.54 4.32
N TRP C 25 10.03 27.83 3.03
CA TRP C 25 11.10 27.43 2.12
C TRP C 25 11.48 28.59 1.23
N ASN C 26 12.74 29.03 1.35
CA ASN C 26 13.28 30.09 0.52
C ASN C 26 13.80 29.47 -0.77
N GLU C 27 13.10 29.71 -1.88
CA GLU C 27 13.42 29.03 -3.12
C GLU C 27 14.77 29.45 -3.67
N ASN C 28 15.08 30.75 -3.62
CA ASN C 28 16.37 31.22 -4.12
C ASN C 28 17.52 30.58 -3.37
N LYS C 29 17.47 30.64 -2.03
CA LYS C 29 18.58 30.16 -1.22
C LYS C 29 18.49 28.66 -0.95
N GLN C 30 17.36 28.03 -1.27
CA GLN C 30 17.16 26.60 -1.01
C GLN C 30 17.38 26.29 0.47
N GLN C 31 16.68 27.04 1.32
CA GLN C 31 16.78 26.88 2.76
C GLN C 31 15.38 26.82 3.36
N GLY C 32 15.19 25.95 4.35
CA GLY C 32 13.92 25.79 5.01
C GLY C 32 13.97 26.30 6.45
N PHE C 33 12.82 26.68 6.97
CA PHE C 33 12.72 27.22 8.32
C PHE C 33 11.40 26.75 8.93
N THR C 34 11.43 26.43 10.23
CA THR C 34 10.22 25.99 10.92
C THR C 34 10.39 26.19 12.42
N ASN C 35 9.26 26.25 13.12
CA ASN C 35 9.27 26.32 14.58
C ASN C 35 9.37 24.95 15.24
N ASN C 36 9.09 23.87 14.49
CA ASN C 36 8.97 22.54 15.06
C ASN C 36 9.37 21.56 13.95
N LEU C 37 10.64 21.17 13.95
CA LEU C 37 11.15 20.30 12.90
C LEU C 37 10.46 18.95 12.90
N LYS C 38 10.09 18.45 14.08
CA LYS C 38 9.42 17.15 14.15
C LYS C 38 8.01 17.22 13.57
N ARG C 39 7.20 18.16 14.06
CA ARG C 39 5.85 18.27 13.51
C ARG C 39 5.88 18.64 12.04
N ALA C 40 6.93 19.36 11.61
CA ALA C 40 7.07 19.67 10.20
C ALA C 40 7.09 18.41 9.35
N ASN C 41 7.53 17.29 9.91
CA ASN C 41 7.59 16.02 9.18
C ASN C 41 6.52 15.03 9.62
N GLN C 42 5.55 15.46 10.44
CA GLN C 42 4.45 14.58 10.82
C GLN C 42 3.40 14.58 9.71
N ALA C 43 2.96 13.39 9.33
CA ALA C 43 2.04 13.24 8.21
C ALA C 43 0.61 13.20 8.74
N PHE C 44 -0.24 14.04 8.17
CA PHE C 44 -1.65 14.14 8.53
C PHE C 44 -2.51 13.90 7.30
N LEU C 45 -3.80 13.70 7.54
CA LEU C 45 -4.76 13.73 6.44
C LEU C 45 -4.68 15.09 5.75
N PRO C 46 -4.63 15.14 4.42
CA PRO C 46 -4.56 16.45 3.74
C PRO C 46 -5.87 17.21 3.74
N ALA C 47 -7.01 16.52 3.86
CA ALA C 47 -8.31 17.16 3.77
C ALA C 47 -8.39 18.03 2.53
N SER C 48 -8.89 19.26 2.65
CA SER C 48 -9.18 20.03 1.44
C SER C 48 -7.93 20.51 0.70
N THR C 49 -6.74 20.42 1.31
CA THR C 49 -5.54 20.70 0.53
C THR C 49 -5.38 19.71 -0.61
N PHE C 50 -6.05 18.55 -0.53
CA PHE C 50 -6.01 17.55 -1.58
C PHE C 50 -6.72 18.02 -2.86
N KCX C 51 -7.49 19.10 -2.75
CA KCX C 51 -8.17 19.62 -3.93
CB KCX C 51 -9.15 20.74 -3.53
CG KCX C 51 -10.41 20.20 -2.86
CD KCX C 51 -11.41 21.28 -2.51
CE KCX C 51 -12.67 20.67 -1.89
NZ KCX C 51 -12.43 20.07 -0.54
C KCX C 51 -7.18 20.13 -4.97
O KCX C 51 -7.53 20.28 -6.14
CX KCX C 51 -12.30 18.76 -0.37
OQ1 KCX C 51 -12.11 18.31 0.77
OQ2 KCX C 51 -12.39 17.98 -1.34
H KCX C 51 -7.63 19.55 -2.03
HA KCX C 51 -8.69 18.91 -4.34
HB2 KCX C 51 -8.71 21.33 -2.89
HG2 KCX C 51 -10.16 19.72 -2.05
HD2 KCX C 51 -11.01 21.86 -1.85
HE2 KCX C 51 -13.34 21.38 -1.78
N ILE C 52 -5.92 20.38 -4.57
CA ILE C 52 -4.90 20.78 -5.52
C ILE C 52 -4.58 19.60 -6.47
N PRO C 53 -4.07 18.49 -5.95
CA PRO C 53 -3.82 17.34 -6.84
C PRO C 53 -5.10 16.82 -7.48
N ASN C 54 -6.21 16.85 -6.77
CA ASN C 54 -7.47 16.40 -7.33
C ASN C 54 -7.84 17.22 -8.55
N SER C 55 -7.66 18.54 -8.47
CA SER C 55 -7.91 19.41 -9.62
C SER C 55 -6.97 19.08 -10.78
N LEU C 56 -5.68 18.91 -10.49
CA LEU C 56 -4.72 18.60 -11.53
C LEU C 56 -5.13 17.35 -12.30
N ILE C 57 -5.51 16.29 -11.58
CA ILE C 57 -5.85 15.03 -12.22
C ILE C 57 -7.12 15.16 -13.03
N ALA C 58 -8.16 15.77 -12.44
CA ALA C 58 -9.42 15.94 -13.16
C ALA C 58 -9.21 16.71 -14.46
N LEU C 59 -8.37 17.74 -14.43
CA LEU C 59 -8.12 18.53 -15.62
C LEU C 59 -7.35 17.73 -16.67
N ASP C 60 -6.33 17.00 -16.24
CA ASP C 60 -5.47 16.31 -17.20
C ASP C 60 -6.17 15.12 -17.84
N LEU C 61 -7.18 14.55 -17.19
CA LEU C 61 -7.93 13.43 -17.75
C LEU C 61 -9.19 13.88 -18.49
N GLY C 62 -9.51 15.17 -18.49
CA GLY C 62 -10.70 15.67 -19.15
C GLY C 62 -11.95 15.65 -18.31
N VAL C 63 -11.87 15.18 -17.06
CA VAL C 63 -13.04 15.25 -16.17
C VAL C 63 -13.52 16.69 -16.05
N VAL C 64 -12.59 17.63 -16.04
CA VAL C 64 -12.89 19.07 -16.08
C VAL C 64 -12.32 19.61 -17.37
N LYS C 65 -13.16 20.27 -18.18
CA LYS C 65 -12.72 20.76 -19.48
C LYS C 65 -11.85 22.02 -19.30
N ASP C 66 -12.32 22.96 -18.50
CA ASP C 66 -11.61 24.20 -18.23
C ASP C 66 -12.16 24.82 -16.94
N GLU C 67 -11.61 25.98 -16.57
CA GLU C 67 -12.02 26.63 -15.33
C GLU C 67 -13.39 27.30 -15.42
N HIS C 68 -14.07 27.26 -16.57
CA HIS C 68 -15.40 27.82 -16.70
C HIS C 68 -16.51 26.78 -16.68
N GLN C 69 -16.19 25.51 -16.92
CA GLN C 69 -17.21 24.46 -16.92
C GLN C 69 -17.99 24.49 -15.61
N VAL C 70 -19.32 24.39 -15.72
CA VAL C 70 -20.22 24.52 -14.58
C VAL C 70 -20.55 23.14 -14.03
N PHE C 71 -20.46 23.00 -12.71
CA PHE C 71 -20.86 21.79 -12.00
C PHE C 71 -22.08 22.11 -11.16
N LYS C 72 -23.23 21.58 -11.58
CA LYS C 72 -24.51 21.96 -11.00
C LYS C 72 -24.68 21.44 -9.58
N TRP C 73 -25.29 22.28 -8.73
CA TRP C 73 -25.72 21.84 -7.41
C TRP C 73 -26.65 20.64 -7.57
N ASP C 74 -26.40 19.60 -6.76
CA ASP C 74 -27.22 18.39 -6.85
C ASP C 74 -28.56 18.52 -6.14
N GLY C 75 -28.92 19.74 -5.71
CA GLY C 75 -30.21 19.96 -5.08
C GLY C 75 -30.29 19.52 -3.63
N GLN C 76 -29.21 18.99 -3.08
CA GLN C 76 -29.19 18.53 -1.70
C GLN C 76 -28.72 19.66 -0.80
N THR C 77 -29.58 20.11 0.11
CA THR C 77 -29.22 21.19 1.02
C THR C 77 -28.22 20.67 2.05
N ARG C 78 -27.04 21.27 2.07
CA ARG C 78 -25.99 20.92 3.02
C ARG C 78 -25.76 22.09 3.98
N ASP C 79 -25.04 21.80 5.07
CA ASP C 79 -24.92 22.76 6.15
C ASP C 79 -24.08 23.98 5.78
N ILE C 80 -23.40 23.97 4.64
CA ILE C 80 -22.61 25.09 4.16
C ILE C 80 -23.34 25.73 3.00
N ALA C 81 -23.94 26.90 3.26
CA ALA C 81 -24.79 27.56 2.27
C ALA C 81 -24.09 27.72 0.92
N THR C 82 -22.82 28.14 0.93
CA THR C 82 -22.12 28.38 -0.32
C THR C 82 -21.92 27.11 -1.14
N TRP C 83 -22.10 25.93 -0.55
CA TRP C 83 -22.05 24.70 -1.31
C TRP C 83 -23.34 24.43 -2.07
N ASN C 84 -24.44 25.07 -1.66
CA ASN C 84 -25.77 24.84 -2.24
C ASN C 84 -26.00 25.79 -3.43
N ARG C 85 -25.12 25.70 -4.41
CA ARG C 85 -25.20 26.53 -5.61
C ARG C 85 -24.33 25.89 -6.68
N ASP C 86 -24.48 26.38 -7.92
CA ASP C 86 -23.60 25.97 -9.00
C ASP C 86 -22.19 26.49 -8.76
N HIS C 87 -21.21 25.76 -9.28
CA HIS C 87 -19.81 26.13 -9.12
C HIS C 87 -19.04 25.82 -10.39
N ASN C 88 -17.93 26.54 -10.57
CA ASN C 88 -16.88 26.16 -11.49
C ASN C 88 -15.63 25.82 -10.68
N LEU C 89 -14.54 25.50 -11.39
CA LEU C 89 -13.32 25.10 -10.70
C LEU C 89 -12.81 26.20 -9.79
N ILE C 90 -12.92 27.46 -10.22
CA ILE C 90 -12.43 28.57 -9.42
C ILE C 90 -13.22 28.69 -8.13
N THR C 91 -14.55 28.72 -8.23
CA THR C 91 -15.38 28.91 -7.05
C THR C 91 -15.40 27.64 -6.19
N ALA C 92 -15.28 26.46 -6.81
CA ALA C 92 -15.22 25.23 -6.03
C ALA C 92 -13.99 25.20 -5.14
N MET C 93 -12.86 25.71 -5.64
CA MET C 93 -11.66 25.85 -4.80
C MET C 93 -11.87 26.91 -3.74
N LYS C 94 -12.39 28.07 -4.13
CA LYS C 94 -12.55 29.19 -3.22
C LYS C 94 -13.36 28.81 -1.99
N TYR C 95 -14.48 28.11 -2.18
CA TYR C 95 -15.36 27.73 -1.09
C TYR C 95 -15.16 26.28 -0.67
N SER C 96 -14.11 25.63 -1.15
CA SER C 96 -13.74 24.28 -0.73
C SER C 96 -14.95 23.34 -0.76
N VAL C 97 -15.52 23.19 -1.95
CA VAL C 97 -16.80 22.53 -2.14
C VAL C 97 -16.53 21.03 -2.25
N VAL C 98 -16.62 20.35 -1.10
CA VAL C 98 -16.37 18.90 -1.07
C VAL C 98 -17.23 18.14 -2.08
N PRO C 99 -18.55 18.32 -2.13
CA PRO C 99 -19.36 17.46 -3.01
C PRO C 99 -18.96 17.54 -4.47
N VAL C 100 -18.48 18.69 -4.94
CA VAL C 100 -18.00 18.81 -6.30
C VAL C 100 -16.77 17.93 -6.51
N TYR C 101 -15.82 17.98 -5.58
CA TYR C 101 -14.59 17.21 -5.73
C TYR C 101 -14.81 15.72 -5.49
N GLN C 102 -15.82 15.36 -4.69
CA GLN C 102 -16.18 13.95 -4.57
C GLN C 102 -16.65 13.40 -5.91
N GLU C 103 -17.41 14.20 -6.66
CA GLU C 103 -17.81 13.79 -8.01
C GLU C 103 -16.59 13.67 -8.92
N PHE C 104 -15.67 14.63 -8.85
CA PHE C 104 -14.41 14.50 -9.57
C PHE C 104 -13.76 13.15 -9.31
N ALA C 105 -13.61 12.80 -8.02
CA ALA C 105 -12.90 11.59 -7.66
C ALA C 105 -13.58 10.35 -8.24
N ARG C 106 -14.91 10.29 -8.17
CA ARG C 106 -15.63 9.13 -8.69
C ARG C 106 -15.39 8.97 -10.19
N GLN C 107 -15.38 10.07 -10.93
CA GLN C 107 -15.13 10.00 -12.37
C GLN C 107 -13.67 9.67 -12.67
N ILE C 108 -12.75 10.15 -11.83
CA ILE C 108 -11.35 9.79 -11.97
C ILE C 108 -11.18 8.29 -11.80
N GLY C 109 -11.72 7.76 -10.72
CA GLY C 109 -11.65 6.32 -10.46
C GLY C 109 -10.46 5.96 -9.58
N GLU C 110 -10.60 4.78 -8.96
CA GLU C 110 -9.60 4.31 -8.01
C GLU C 110 -8.24 4.13 -8.68
N ALA C 111 -8.21 3.45 -9.82
CA ALA C 111 -6.95 3.10 -10.46
C ALA C 111 -6.18 4.34 -10.89
N ARG C 112 -6.84 5.25 -11.60
CA ARG C 112 -6.14 6.42 -12.12
C ARG C 112 -5.73 7.36 -10.99
N MET C 113 -6.56 7.48 -9.96
CA MET C 113 -6.17 8.28 -8.80
C MET C 113 -4.90 7.74 -8.17
N SER C 114 -4.81 6.42 -8.00
CA SER C 114 -3.62 5.83 -7.39
C SER C 114 -2.39 6.07 -8.25
N LYS C 115 -2.49 5.84 -9.56
CA LYS C 115 -1.35 6.04 -10.45
C LYS C 115 -0.85 7.47 -10.40
N MET C 116 -1.77 8.44 -10.37
CA MET C 116 -1.36 9.84 -10.44
C MET C 116 -0.70 10.30 -9.15
N LEU C 117 -1.20 9.87 -8.00
CA LEU C 117 -0.56 10.26 -6.75
C LEU C 117 0.83 9.65 -6.62
N HIS C 118 1.06 8.47 -7.21
CA HIS C 118 2.41 7.94 -7.28
C HIS C 118 3.28 8.77 -8.21
N ALA C 119 2.73 9.16 -9.36
CA ALA C 119 3.46 10.03 -10.27
C ALA C 119 3.81 11.35 -9.60
N PHE C 120 2.93 11.86 -8.75
CA PHE C 120 3.16 13.10 -8.02
C PHE C 120 4.09 12.94 -6.83
N ASP C 121 4.45 11.71 -6.46
CA ASP C 121 5.23 11.46 -5.25
C ASP C 121 4.54 12.07 -4.03
N TYR C 122 3.22 11.97 -4.00
CA TYR C 122 2.38 12.72 -3.06
C TYR C 122 2.23 11.95 -1.76
N GLY C 123 2.87 12.43 -0.69
CA GLY C 123 2.67 11.82 0.62
C GLY C 123 3.02 10.35 0.61
N ASN C 124 2.24 9.56 1.36
CA ASN C 124 2.41 8.12 1.36
C ASN C 124 1.74 7.42 0.18
N GLU C 125 1.08 8.18 -0.70
CA GLU C 125 0.52 7.65 -1.95
C GLU C 125 -0.54 6.57 -1.72
N ASP C 126 -1.19 6.57 -0.56
CA ASP C 126 -2.13 5.52 -0.18
C ASP C 126 -3.54 6.10 -0.23
N ILE C 127 -4.36 5.59 -1.14
CA ILE C 127 -5.74 6.07 -1.30
C ILE C 127 -6.75 5.12 -0.64
N SER C 128 -6.29 4.26 0.28
CA SER C 128 -7.18 3.30 0.90
C SER C 128 -8.39 4.00 1.48
N GLY C 129 -9.56 3.38 1.33
CA GLY C 129 -10.82 3.98 1.73
C GLY C 129 -11.72 4.24 0.55
N ASN C 130 -12.69 5.15 0.71
CA ASN C 130 -13.58 5.49 -0.39
C ASN C 130 -12.85 6.38 -1.39
N VAL C 131 -13.05 6.08 -2.68
CA VAL C 131 -12.38 6.87 -3.72
C VAL C 131 -12.80 8.32 -3.62
N ASP C 132 -13.99 8.59 -3.07
CA ASP C 132 -14.53 9.94 -2.96
C ASP C 132 -14.47 10.49 -1.54
N SER C 133 -13.65 9.89 -0.66
CA SER C 133 -13.47 10.49 0.67
C SER C 133 -12.13 10.13 1.31
N PHE C 134 -11.20 9.47 0.62
CA PHE C 134 -10.00 8.99 1.29
C PHE C 134 -9.15 10.14 1.82
N TRP C 135 -9.25 11.33 1.23
CA TRP C 135 -8.50 12.48 1.71
C TRP C 135 -9.13 13.11 2.95
N LEU C 136 -10.33 12.67 3.34
CA LEU C 136 -11.00 13.15 4.54
C LEU C 136 -11.01 12.14 5.67
N ASP C 137 -11.06 10.84 5.35
CA ASP C 137 -11.13 9.81 6.39
C ASP C 137 -10.52 8.49 5.92
N GLY C 138 -9.62 8.51 4.94
CA GLY C 138 -8.97 7.32 4.46
C GLY C 138 -7.52 7.21 4.93
N GLY C 139 -6.69 6.52 4.16
CA GLY C 139 -5.34 6.22 4.56
C GLY C 139 -4.26 7.17 4.08
N ILE C 140 -4.59 8.16 3.26
CA ILE C 140 -3.55 9.03 2.71
C ILE C 140 -3.04 9.98 3.78
N ARG C 141 -1.73 10.21 3.78
CA ARG C 141 -1.08 11.05 4.76
C ARG C 141 0.01 11.86 4.07
N ILE C 142 0.18 13.10 4.52
CA ILE C 142 1.20 13.99 3.96
C ILE C 142 1.65 14.94 5.06
N SER C 143 2.94 15.25 5.08
CA SER C 143 3.51 16.19 6.04
C SER C 143 3.65 17.57 5.42
N ALA C 144 3.96 18.55 6.26
CA ALA C 144 4.14 19.91 5.79
C ALA C 144 5.29 20.01 4.81
N THR C 145 6.43 19.37 5.12
CA THR C 145 7.56 19.41 4.20
C THR C 145 7.24 18.70 2.89
N GLU C 146 6.43 17.64 2.94
CA GLU C 146 6.03 16.96 1.71
C GLU C 146 5.06 17.79 0.89
N GLN C 147 4.20 18.58 1.54
CA GLN C 147 3.36 19.52 0.80
C GLN C 147 4.22 20.50 0.01
N ILE C 148 5.27 21.03 0.64
CA ILE C 148 6.15 21.97 -0.04
C ILE C 148 6.84 21.31 -1.23
N SER C 149 7.39 20.11 -1.03
CA SER C 149 8.03 19.40 -2.13
C SER C 149 7.07 19.28 -3.31
N PHE C 150 5.81 18.95 -3.03
CA PHE C 150 4.80 18.87 -4.06
C PHE C 150 4.53 20.24 -4.68
N LEU C 151 4.38 21.27 -3.84
CA LEU C 151 4.06 22.60 -4.36
C LEU C 151 5.20 23.14 -5.22
N ARG C 152 6.45 22.86 -4.86
CA ARG C 152 7.57 23.34 -5.67
C ARG C 152 7.52 22.75 -7.07
N LYS C 153 7.17 21.47 -7.20
CA LYS C 153 7.02 20.89 -8.54
C LYS C 153 5.92 21.59 -9.32
N LEU C 154 4.78 21.83 -8.68
CA LEU C 154 3.68 22.52 -9.35
C LEU C 154 4.12 23.90 -9.82
N TYR C 155 4.79 24.66 -8.95
CA TYR C 155 5.24 26.00 -9.32
C TYR C 155 6.06 25.97 -10.60
N HIS C 156 6.99 25.02 -10.71
CA HIS C 156 7.89 24.93 -11.85
C HIS C 156 7.30 24.13 -13.01
N ASN C 157 6.02 23.75 -12.95
CA ASN C 157 5.38 22.95 -13.99
C ASN C 157 6.07 21.61 -14.17
N LYS C 158 6.57 21.03 -13.06
CA LYS C 158 7.34 19.79 -13.12
C LYS C 158 6.53 18.55 -12.79
N LEU C 159 5.28 18.68 -12.36
CA LEU C 159 4.46 17.51 -12.14
C LEU C 159 4.15 16.84 -13.48
N HIS C 160 3.93 15.53 -13.43
CA HIS C 160 3.74 14.74 -14.64
C HIS C 160 2.29 14.82 -15.14
N VAL C 161 1.88 16.07 -15.36
CA VAL C 161 0.66 16.40 -16.08
C VAL C 161 0.99 17.56 -17.01
N SER C 162 0.05 17.91 -17.87
CA SER C 162 0.30 18.94 -18.86
C SER C 162 0.59 20.28 -18.19
N GLU C 163 1.34 21.14 -18.89
CA GLU C 163 1.56 22.49 -18.41
C GLU C 163 0.22 23.22 -18.24
N ARG C 164 -0.71 23.03 -19.17
CA ARG C 164 -2.00 23.68 -19.09
C ARG C 164 -2.71 23.34 -17.79
N SER C 165 -2.75 22.05 -17.44
CA SER C 165 -3.41 21.65 -16.20
C SER C 165 -2.79 22.35 -14.99
N GLN C 166 -1.47 22.45 -14.97
CA GLN C 166 -0.80 23.06 -13.81
C GLN C 166 -1.05 24.55 -13.77
N ARG C 167 -1.07 25.21 -14.93
CA ARG C 167 -1.37 26.65 -14.96
C ARG C 167 -2.78 26.93 -14.46
N ILE C 168 -3.75 26.10 -14.87
CA ILE C 168 -5.14 26.35 -14.47
C ILE C 168 -5.30 26.17 -12.97
N VAL C 169 -4.66 25.15 -12.38
CA VAL C 169 -4.77 24.95 -10.95
C VAL C 169 -4.12 26.10 -10.20
N LYS C 170 -2.97 26.58 -10.67
CA LYS C 170 -2.33 27.71 -10.02
C LYS C 170 -3.19 28.97 -10.11
N GLN C 171 -3.91 29.14 -11.21
CA GLN C 171 -4.91 30.21 -11.27
C GLN C 171 -5.98 30.00 -10.21
N ALA C 172 -6.50 28.78 -10.09
CA ALA C 172 -7.55 28.51 -9.12
C ALA C 172 -7.07 28.64 -7.68
N MET C 173 -5.77 28.53 -7.44
CA MET C 173 -5.21 28.70 -6.11
C MET C 173 -5.06 30.16 -5.71
N LEU C 174 -5.27 31.10 -6.62
CA LEU C 174 -5.08 32.51 -6.32
C LEU C 174 -5.95 32.91 -5.14
N THR C 175 -5.31 33.45 -4.10
CA THR C 175 -5.98 33.82 -2.87
C THR C 175 -5.91 35.31 -2.58
N GLU C 176 -4.76 35.94 -2.81
CA GLU C 176 -4.58 37.33 -2.49
C GLU C 176 -3.48 37.90 -3.38
N ALA C 177 -3.65 39.14 -3.81
CA ALA C 177 -2.64 39.81 -4.61
C ALA C 177 -2.76 41.32 -4.43
N ASN C 178 -1.60 41.96 -4.27
CA ASN C 178 -1.54 43.41 -4.14
C ASN C 178 -0.20 43.85 -4.74
N GLY C 179 0.14 45.13 -4.55
CA GLY C 179 1.38 45.65 -5.08
C GLY C 179 2.63 45.04 -4.47
N ASP C 180 2.50 44.31 -3.37
CA ASP C 180 3.64 43.79 -2.64
C ASP C 180 3.87 42.29 -2.83
N TYR C 181 2.81 41.50 -2.98
CA TYR C 181 2.99 40.05 -3.09
C TYR C 181 1.75 39.41 -3.68
N ILE C 182 1.91 38.15 -4.08
CA ILE C 182 0.83 37.29 -4.54
C ILE C 182 0.88 36.02 -3.69
N ILE C 183 -0.28 35.60 -3.19
CA ILE C 183 -0.39 34.33 -2.48
C ILE C 183 -1.25 33.39 -3.31
N ARG C 184 -0.71 32.21 -3.59
CA ARG C 184 -1.47 31.10 -4.15
C ARG C 184 -1.42 29.97 -3.13
N ALA C 185 -2.58 29.52 -2.67
CA ALA C 185 -2.63 28.63 -1.52
C ALA C 185 -3.97 27.92 -1.47
N LYS C 186 -4.05 26.94 -0.56
CA LYS C 186 -5.29 26.21 -0.32
C LYS C 186 -5.39 25.87 1.16
N THR C 187 -6.58 26.10 1.73
CA THR C 187 -6.84 25.76 3.10
C THR C 187 -7.29 24.30 3.23
N GLY C 188 -7.16 23.78 4.44
CA GLY C 188 -7.65 22.45 4.74
C GLY C 188 -8.20 22.41 6.15
N TYR C 189 -9.20 21.55 6.34
CA TYR C 189 -9.85 21.38 7.64
C TYR C 189 -10.19 19.90 7.80
N SER C 190 -9.45 19.19 8.65
CA SER C 190 -9.62 17.74 8.83
C SER C 190 -10.34 17.50 10.15
N THR C 191 -11.55 16.96 10.07
CA THR C 191 -12.37 16.74 11.25
C THR C 191 -12.86 15.31 11.41
N ARG C 192 -12.83 14.48 10.35
CA ARG C 192 -13.46 13.16 10.42
C ARG C 192 -12.62 12.15 11.18
N ILE C 193 -11.32 12.38 11.33
CA ILE C 193 -10.44 11.48 12.08
C ILE C 193 -9.56 12.32 12.98
N GLU C 194 -9.35 11.85 14.21
CA GLU C 194 -8.49 12.57 15.13
C GLU C 194 -7.03 12.43 14.70
N PRO C 195 -6.19 13.44 14.98
CA PRO C 195 -6.52 14.72 15.61
C PRO C 195 -7.11 15.71 14.61
N LYS C 196 -8.08 16.52 15.05
CA LYS C 196 -8.61 17.55 14.17
C LYS C 196 -7.57 18.63 13.95
N ILE C 197 -7.30 18.96 12.68
CA ILE C 197 -6.29 19.95 12.35
C ILE C 197 -6.79 20.82 11.20
N GLY C 198 -6.17 21.99 11.08
CA GLY C 198 -6.34 22.86 9.93
C GLY C 198 -5.04 22.95 9.14
N TRP C 199 -5.17 23.15 7.83
CA TRP C 199 -4.03 23.31 6.92
C TRP C 199 -4.07 24.69 6.27
N TRP C 200 -2.88 25.20 5.93
CA TRP C 200 -2.76 26.23 4.90
C TRP C 200 -1.43 26.00 4.19
N VAL C 201 -1.47 25.73 2.90
CA VAL C 201 -0.29 25.42 2.10
C VAL C 201 -0.34 26.23 0.81
N GLY C 202 0.82 26.66 0.34
CA GLY C 202 0.92 27.45 -0.87
C GLY C 202 2.27 28.13 -0.95
N TRP C 203 2.28 29.32 -1.56
CA TRP C 203 3.50 30.08 -1.66
C TRP C 203 3.19 31.57 -1.81
N VAL C 204 4.22 32.37 -1.60
CA VAL C 204 4.16 33.83 -1.69
C VAL C 204 5.11 34.25 -2.80
N GLU C 205 4.57 34.89 -3.83
CA GLU C 205 5.38 35.37 -4.94
C GLU C 205 5.81 36.80 -4.64
N LEU C 206 7.12 37.04 -4.66
CA LEU C 206 7.68 38.38 -4.59
C LEU C 206 8.33 38.72 -5.92
N ASP C 207 8.74 39.99 -6.05
CA ASP C 207 9.39 40.43 -7.28
C ASP C 207 10.54 39.52 -7.67
N ASP C 208 11.33 39.09 -6.67
CA ASP C 208 12.60 38.43 -6.93
C ASP C 208 12.79 37.12 -6.17
N ASN C 209 11.74 36.55 -5.61
CA ASN C 209 11.87 35.29 -4.87
C ASN C 209 10.47 34.74 -4.66
N VAL C 210 10.40 33.47 -4.25
CA VAL C 210 9.15 32.84 -3.88
C VAL C 210 9.37 32.10 -2.57
N TRP C 211 8.46 32.30 -1.63
CA TRP C 211 8.51 31.60 -0.34
C TRP C 211 7.35 30.62 -0.31
N PHE C 212 7.68 29.33 -0.38
CA PHE C 212 6.67 28.30 -0.16
C PHE C 212 6.41 28.15 1.32
N PHE C 213 5.18 27.82 1.67
CA PHE C 213 4.81 27.63 3.07
C PHE C 213 3.84 26.47 3.18
N ALA C 214 3.85 25.85 4.36
CA ALA C 214 2.91 24.80 4.71
C ALA C 214 2.76 24.81 6.22
N MET C 215 1.53 25.01 6.69
CA MET C 215 1.26 25.06 8.12
C MET C 215 0.12 24.12 8.44
N ASN C 216 0.18 23.52 9.62
CA ASN C 216 -0.99 22.88 10.19
C ASN C 216 -1.01 23.16 11.67
N MET C 217 -2.21 23.09 12.26
CA MET C 217 -2.40 23.39 13.66
C MET C 217 -3.57 22.57 14.17
N ASP C 218 -3.52 22.23 15.45
CA ASP C 218 -4.65 21.56 16.07
C ASP C 218 -5.89 22.46 15.99
N MET C 219 -7.03 21.85 15.66
CA MET C 219 -8.28 22.59 15.44
C MET C 219 -9.41 21.86 16.14
N PRO C 220 -9.50 21.96 17.47
CA PRO C 220 -10.59 21.28 18.18
C PRO C 220 -11.98 21.76 17.78
N THR C 221 -12.12 23.02 17.39
CA THR C 221 -13.39 23.55 16.92
C THR C 221 -13.14 24.48 15.75
N SER C 222 -14.22 24.76 15.01
CA SER C 222 -14.15 25.66 13.86
C SER C 222 -13.90 27.11 14.24
N ASP C 223 -13.95 27.43 15.53
CA ASP C 223 -13.79 28.83 15.96
C ASP C 223 -12.44 29.39 15.56
N GLY C 224 -11.42 28.53 15.44
CA GLY C 224 -10.07 28.96 15.17
C GLY C 224 -9.61 28.85 13.73
N LEU C 225 -10.52 28.66 12.77
CA LEU C 225 -10.09 28.45 11.39
C LEU C 225 -9.32 29.66 10.87
N GLY C 226 -9.68 30.87 11.30
CA GLY C 226 -8.99 32.06 10.84
C GLY C 226 -7.54 32.11 11.24
N LEU C 227 -7.15 31.36 12.28
CA LEU C 227 -5.77 31.34 12.73
C LEU C 227 -4.85 30.67 11.73
N ARG C 228 -5.39 29.85 10.82
CA ARG C 228 -4.56 29.24 9.79
C ARG C 228 -3.83 30.31 8.99
N GLN C 229 -4.58 31.30 8.49
CA GLN C 229 -3.96 32.38 7.73
C GLN C 229 -3.32 33.41 8.64
N ALA C 230 -3.96 33.73 9.76
CA ALA C 230 -3.47 34.80 10.63
C ALA C 230 -2.12 34.45 11.23
N ILE C 231 -1.94 33.20 11.67
CA ILE C 231 -0.66 32.81 12.25
C ILE C 231 0.43 32.79 11.17
N THR C 232 0.09 32.26 10.00
CA THR C 232 1.07 32.22 8.91
C THR C 232 1.55 33.61 8.55
N LYS C 233 0.63 34.56 8.40
CA LYS C 233 1.03 35.91 8.03
C LYS C 233 1.89 36.56 9.11
N GLU C 234 1.59 36.30 10.38
CA GLU C 234 2.39 36.86 11.46
C GLU C 234 3.84 36.41 11.34
N VAL C 235 4.07 35.14 11.00
CA VAL C 235 5.43 34.66 10.78
C VAL C 235 6.05 35.35 9.57
N LEU C 236 5.29 35.43 8.47
CA LEU C 236 5.79 36.11 7.27
C LEU C 236 6.17 37.54 7.59
N LYS C 237 5.35 38.24 8.37
CA LYS C 237 5.67 39.60 8.77
C LYS C 237 6.93 39.64 9.63
N GLN C 238 7.05 38.72 10.59
CA GLN C 238 8.24 38.69 11.45
C GLN C 238 9.50 38.49 10.63
N GLU C 239 9.47 37.57 9.67
CA GLU C 239 10.62 37.34 8.80
C GLU C 239 10.72 38.39 7.71
N LYS C 240 9.90 39.43 7.79
CA LYS C 240 9.93 40.57 6.87
C LYS C 240 9.76 40.11 5.43
N ILE C 241 9.01 39.02 5.23
CA ILE C 241 8.67 38.57 3.88
C ILE C 241 7.54 39.40 3.31
N ILE C 242 6.60 39.82 4.15
CA ILE C 242 5.50 40.68 3.72
C ILE C 242 5.40 41.85 4.69
N PRO C 243 4.87 43.01 4.27
CA PRO C 243 4.67 44.12 5.21
C PRO C 243 3.65 43.77 6.29
N GLU D 2 25.32 -4.49 -31.97
CA GLU D 2 25.48 -3.80 -30.70
C GLU D 2 24.14 -3.41 -30.10
N TRP D 3 24.01 -3.64 -28.79
CA TRP D 3 22.83 -3.29 -28.03
C TRP D 3 23.24 -2.59 -26.75
N GLN D 4 22.31 -1.83 -26.19
CA GLN D 4 22.57 -1.07 -24.97
C GLN D 4 21.29 -1.01 -24.15
N GLU D 5 21.41 -1.32 -22.87
CA GLU D 5 20.30 -1.26 -21.93
C GLU D 5 20.34 0.08 -21.21
N ASN D 6 19.19 0.78 -21.20
CA ASN D 6 19.08 2.10 -20.58
C ASN D 6 17.93 2.02 -19.59
N LYS D 7 18.25 1.68 -18.33
CA LYS D 7 17.22 1.52 -17.32
C LYS D 7 16.57 2.84 -16.91
N SER D 8 17.15 3.98 -17.27
CA SER D 8 16.50 5.26 -16.98
C SER D 8 15.10 5.30 -17.56
N TRP D 9 14.87 4.64 -18.71
CA TRP D 9 13.54 4.64 -19.29
C TRP D 9 12.53 3.91 -18.42
N ASN D 10 12.98 3.05 -17.50
CA ASN D 10 12.05 2.37 -16.62
C ASN D 10 11.18 3.35 -15.85
N ALA D 11 11.70 4.56 -15.60
CA ALA D 11 10.91 5.58 -14.94
C ALA D 11 9.60 5.84 -15.67
N HIS D 12 9.64 5.89 -17.00
CA HIS D 12 8.42 6.15 -17.78
C HIS D 12 7.37 5.09 -17.54
N PHE D 13 7.79 3.87 -17.22
CA PHE D 13 6.85 2.82 -16.84
C PHE D 13 6.48 2.93 -15.37
N THR D 14 7.47 3.22 -14.52
CA THR D 14 7.21 3.31 -13.09
C THR D 14 6.34 4.51 -12.77
N GLU D 15 6.41 5.55 -13.59
CA GLU D 15 5.59 6.74 -13.36
C GLU D 15 4.10 6.42 -13.41
N HIS D 16 3.71 5.44 -14.21
CA HIS D 16 2.31 5.00 -14.30
C HIS D 16 2.05 3.68 -13.59
N LYS D 17 2.91 3.29 -12.65
CA LYS D 17 2.80 2.01 -11.96
C LYS D 17 2.59 0.87 -12.95
N SER D 18 3.42 0.85 -13.99
CA SER D 18 3.26 -0.13 -15.05
C SER D 18 4.58 -0.86 -15.30
N GLN D 19 4.49 -1.90 -16.14
CA GLN D 19 5.62 -2.74 -16.51
C GLN D 19 5.57 -2.99 -18.00
N GLY D 20 6.72 -2.84 -18.64
CA GLY D 20 6.80 -3.04 -20.08
C GLY D 20 8.20 -2.81 -20.57
N VAL D 21 8.34 -2.83 -21.88
CA VAL D 21 9.62 -2.62 -22.54
C VAL D 21 9.42 -1.70 -23.74
N VAL D 22 10.40 -0.83 -23.97
CA VAL D 22 10.53 -0.08 -25.21
C VAL D 22 11.82 -0.52 -25.87
N VAL D 23 11.75 -0.85 -27.15
CA VAL D 23 12.91 -1.21 -27.95
C VAL D 23 13.01 -0.21 -29.10
N LEU D 24 14.17 0.44 -29.22
CA LEU D 24 14.44 1.35 -30.32
C LEU D 24 15.60 0.81 -31.15
N TRP D 25 15.56 1.08 -32.45
CA TRP D 25 16.63 0.66 -33.35
C TRP D 25 17.00 1.83 -34.25
N ASN D 26 18.25 2.27 -34.14
CA ASN D 26 18.79 3.33 -34.98
C ASN D 26 19.30 2.70 -36.27
N GLU D 27 18.60 2.98 -37.38
CA GLU D 27 18.91 2.30 -38.64
C GLU D 27 20.26 2.75 -39.19
N ASN D 28 20.56 4.05 -39.13
CA ASN D 28 21.83 4.53 -39.65
C ASN D 28 23.00 3.85 -38.96
N LYS D 29 23.00 3.85 -37.62
CA LYS D 29 24.11 3.30 -36.86
C LYS D 29 24.00 1.80 -36.63
N GLN D 30 22.84 1.20 -36.91
CA GLN D 30 22.63 -0.22 -36.65
C GLN D 30 22.88 -0.55 -35.18
N GLN D 31 22.23 0.22 -34.31
CA GLN D 31 22.34 0.05 -32.87
C GLN D 31 20.96 0.02 -32.24
N GLY D 32 20.79 -0.85 -31.25
CA GLY D 32 19.53 -0.98 -30.56
C GLY D 32 19.59 -0.49 -29.13
N PHE D 33 18.46 -0.09 -28.58
CA PHE D 33 18.38 0.45 -27.22
C PHE D 33 17.08 -0.01 -26.58
N THR D 34 17.14 -0.34 -25.29
CA THR D 34 15.95 -0.75 -24.57
C THR D 34 16.18 -0.57 -23.08
N ASN D 35 15.07 -0.52 -22.34
CA ASN D 35 15.14 -0.49 -20.88
C ASN D 35 15.30 -1.87 -20.27
N ASN D 36 14.99 -2.92 -21.02
CA ASN D 36 14.92 -4.28 -20.47
C ASN D 36 15.19 -5.26 -21.61
N LEU D 37 16.46 -5.67 -21.74
CA LEU D 37 16.82 -6.56 -22.85
C LEU D 37 16.14 -7.91 -22.73
N LYS D 38 15.86 -8.37 -21.51
CA LYS D 38 15.19 -9.66 -21.38
C LYS D 38 13.76 -9.58 -21.90
N ARG D 39 12.97 -8.62 -21.41
CA ARG D 39 11.61 -8.49 -21.91
C ARG D 39 11.60 -8.11 -23.38
N ALA D 40 12.63 -7.39 -23.84
CA ALA D 40 12.72 -7.06 -25.27
C ALA D 40 12.70 -8.32 -26.11
N ASN D 41 13.13 -9.45 -25.57
CA ASN D 41 13.16 -10.72 -26.28
C ASN D 41 12.07 -11.68 -25.82
N GLN D 42 11.15 -11.22 -24.97
CA GLN D 42 10.05 -12.07 -24.53
C GLN D 42 8.95 -12.09 -25.59
N ALA D 43 8.49 -13.29 -25.92
CA ALA D 43 7.52 -13.48 -27.00
C ALA D 43 6.10 -13.46 -26.47
N PHE D 44 5.25 -12.63 -27.05
CA PHE D 44 3.85 -12.53 -26.70
C PHE D 44 2.97 -12.77 -27.92
N LEU D 45 1.68 -12.96 -27.66
CA LEU D 45 0.71 -12.91 -28.75
C LEU D 45 0.79 -11.54 -29.43
N PRO D 46 0.82 -11.49 -30.77
CA PRO D 46 0.89 -10.18 -31.43
C PRO D 46 -0.41 -9.41 -31.43
N ALA D 47 -1.56 -10.09 -31.30
CA ALA D 47 -2.85 -9.42 -31.37
C ALA D 47 -2.92 -8.58 -32.64
N SER D 48 -3.41 -7.34 -32.54
CA SER D 48 -3.69 -6.58 -33.75
C SER D 48 -2.44 -6.11 -34.51
N THR D 49 -1.25 -6.21 -33.91
CA THR D 49 -0.06 -5.95 -34.71
C THR D 49 0.07 -6.96 -35.84
N PHE D 50 -0.62 -8.08 -35.75
CA PHE D 50 -0.61 -9.08 -36.82
C PHE D 50 -1.34 -8.58 -38.07
N KCX D 51 -2.08 -7.48 -37.93
CA KCX D 51 -2.77 -6.93 -39.09
CB KCX D 51 -3.73 -5.81 -38.66
CG KCX D 51 -5.00 -6.34 -37.99
CD KCX D 51 -5.99 -5.25 -37.63
CE KCX D 51 -7.26 -5.83 -37.00
NZ KCX D 51 -7.01 -6.43 -35.65
C KCX D 51 -1.78 -6.42 -40.14
O KCX D 51 -2.14 -6.25 -41.31
CX KCX D 51 -6.88 -7.74 -35.48
OQ1 KCX D 51 -6.67 -8.19 -34.33
OQ2 KCX D 51 -6.96 -8.51 -36.44
H KCX D 51 -2.20 -7.05 -37.21
HA KCX D 51 -3.31 -7.63 -39.50
HB2 KCX D 51 -4.00 -5.30 -39.45
HG2 KCX D 51 -4.76 -6.81 -37.18
HD2 KCX D 51 -5.58 -4.65 -36.97
HE2 KCX D 51 -7.60 -6.53 -37.57
N ILE D 52 -0.52 -6.22 -39.75
CA ILE D 52 0.50 -5.82 -40.72
C ILE D 52 0.79 -7.01 -41.66
N PRO D 53 1.31 -8.13 -41.13
CA PRO D 53 1.54 -9.28 -42.03
C PRO D 53 0.26 -9.81 -42.67
N ASN D 54 -0.86 -9.80 -41.94
CA ASN D 54 -2.11 -10.26 -42.51
C ASN D 54 -2.50 -9.43 -43.74
N SER D 55 -2.33 -8.11 -43.65
CA SER D 55 -2.60 -7.24 -44.79
C SER D 55 -1.70 -7.57 -45.97
N LEU D 56 -0.40 -7.74 -45.71
CA LEU D 56 0.54 -8.06 -46.78
C LEU D 56 0.11 -9.31 -47.54
N ILE D 57 -0.25 -10.36 -46.81
CA ILE D 57 -0.59 -11.62 -47.43
C ILE D 57 -1.89 -11.50 -48.22
N ALA D 58 -2.91 -10.87 -47.63
CA ALA D 58 -4.18 -10.70 -48.33
C ALA D 58 -3.99 -9.93 -49.63
N LEU D 59 -3.14 -8.90 -49.60
CA LEU D 59 -2.90 -8.11 -50.82
C LEU D 59 -2.14 -8.91 -51.86
N ASP D 60 -1.11 -9.65 -51.45
CA ASP D 60 -0.26 -10.32 -52.42
C ASP D 60 -0.97 -11.50 -53.07
N LEU D 61 -1.98 -12.08 -52.43
CA LEU D 61 -2.75 -13.17 -53.00
C LEU D 61 -4.01 -12.70 -53.73
N GLY D 62 -4.32 -11.41 -53.69
CA GLY D 62 -5.51 -10.90 -54.33
C GLY D 62 -6.77 -10.94 -53.47
N VAL D 63 -6.67 -11.43 -52.23
CA VAL D 63 -7.82 -11.35 -51.33
C VAL D 63 -8.27 -9.89 -51.19
N VAL D 64 -7.32 -8.97 -51.13
CA VAL D 64 -7.59 -7.54 -51.18
C VAL D 64 -6.95 -7.00 -52.45
N LYS D 65 -7.77 -6.39 -53.32
CA LYS D 65 -7.24 -5.93 -54.59
C LYS D 65 -6.44 -4.63 -54.43
N ASP D 66 -6.98 -3.68 -53.67
CA ASP D 66 -6.28 -2.41 -53.41
C ASP D 66 -6.85 -1.83 -52.13
N GLU D 67 -6.32 -0.67 -51.74
CA GLU D 67 -6.70 -0.02 -50.50
C GLU D 67 -8.06 0.66 -50.56
N HIS D 68 -8.75 0.63 -51.70
CA HIS D 68 -10.07 1.23 -51.82
C HIS D 68 -11.21 0.21 -51.77
N GLN D 69 -10.93 -1.06 -52.00
CA GLN D 69 -11.97 -2.08 -52.00
C GLN D 69 -12.75 -2.05 -50.68
N VAL D 70 -14.07 -2.12 -50.78
CA VAL D 70 -14.95 -1.98 -49.63
C VAL D 70 -15.30 -3.36 -49.11
N PHE D 71 -15.20 -3.54 -47.79
CA PHE D 71 -15.62 -4.77 -47.12
C PHE D 71 -16.84 -4.43 -46.27
N LYS D 72 -18.00 -4.93 -46.70
CA LYS D 72 -19.27 -4.52 -46.11
C LYS D 72 -19.43 -5.06 -44.69
N TRP D 73 -20.02 -4.25 -43.83
CA TRP D 73 -20.41 -4.70 -42.50
C TRP D 73 -21.34 -5.90 -42.62
N ASP D 74 -21.07 -6.95 -41.84
CA ASP D 74 -21.87 -8.17 -41.90
C ASP D 74 -23.20 -8.06 -41.15
N GLY D 75 -23.56 -6.86 -40.69
CA GLY D 75 -24.83 -6.65 -40.02
C GLY D 75 -24.88 -7.10 -38.58
N GLN D 76 -23.80 -7.65 -38.04
CA GLN D 76 -23.77 -8.07 -36.64
C GLN D 76 -23.24 -6.92 -35.79
N THR D 77 -24.08 -6.43 -34.89
CA THR D 77 -23.70 -5.33 -34.01
C THR D 77 -22.71 -5.84 -32.97
N ARG D 78 -21.53 -5.25 -32.94
CA ARG D 78 -20.48 -5.59 -31.98
C ARG D 78 -20.24 -4.42 -31.04
N ASP D 79 -19.54 -4.70 -29.94
CA ASP D 79 -19.38 -3.71 -28.88
C ASP D 79 -18.47 -2.56 -29.27
N ILE D 80 -17.82 -2.64 -30.43
CA ILE D 80 -16.97 -1.56 -30.93
C ILE D 80 -17.75 -0.86 -32.03
N ALA D 81 -18.27 0.32 -31.71
CA ALA D 81 -19.14 1.03 -32.65
C ALA D 81 -18.48 1.20 -34.01
N THR D 82 -17.18 1.57 -34.01
CA THR D 82 -16.49 1.80 -35.28
C THR D 82 -16.35 0.53 -36.11
N TRP D 83 -16.59 -0.65 -35.54
CA TRP D 83 -16.59 -1.89 -36.31
C TRP D 83 -17.89 -2.11 -37.07
N ASN D 84 -18.97 -1.45 -36.67
CA ASN D 84 -20.29 -1.67 -37.26
C ASN D 84 -20.52 -0.75 -38.46
N ARG D 85 -19.63 -0.87 -39.44
CA ARG D 85 -19.71 -0.07 -40.65
C ARG D 85 -18.86 -0.70 -41.73
N ASP D 86 -19.03 -0.20 -42.96
CA ASP D 86 -18.17 -0.61 -44.06
C ASP D 86 -16.76 -0.11 -43.83
N HIS D 87 -15.79 -0.83 -44.37
CA HIS D 87 -14.39 -0.46 -44.23
C HIS D 87 -13.64 -0.76 -45.51
N ASN D 88 -12.55 -0.04 -45.70
CA ASN D 88 -11.50 -0.42 -46.63
C ASN D 88 -10.25 -0.77 -45.83
N LEU D 89 -9.17 -1.09 -46.55
CA LEU D 89 -7.94 -1.49 -45.85
C LEU D 89 -7.44 -0.38 -44.94
N ILE D 90 -7.54 0.88 -45.38
CA ILE D 90 -7.04 1.99 -44.57
C ILE D 90 -7.84 2.10 -43.27
N THR D 91 -9.17 2.14 -43.38
CA THR D 91 -9.99 2.32 -42.19
C THR D 91 -10.02 1.06 -41.33
N ALA D 92 -9.92 -0.11 -41.95
CA ALA D 92 -9.89 -1.35 -41.17
C ALA D 92 -8.65 -1.40 -40.27
N MET D 93 -7.52 -0.92 -40.78
CA MET D 93 -6.31 -0.81 -39.96
C MET D 93 -6.48 0.25 -38.89
N LYS D 94 -6.98 1.43 -39.28
CA LYS D 94 -7.10 2.55 -38.37
C LYS D 94 -7.91 2.18 -37.13
N TYR D 95 -9.05 1.53 -37.33
CA TYR D 95 -9.93 1.15 -36.23
C TYR D 95 -9.75 -0.30 -35.81
N SER D 96 -8.71 -0.96 -36.32
CA SER D 96 -8.33 -2.30 -35.90
C SER D 96 -9.54 -3.25 -35.93
N VAL D 97 -10.12 -3.38 -37.12
CA VAL D 97 -11.41 -4.04 -37.29
C VAL D 97 -11.15 -5.54 -37.40
N VAL D 98 -11.21 -6.22 -36.26
CA VAL D 98 -10.94 -7.66 -36.22
C VAL D 98 -11.80 -8.44 -37.21
N PRO D 99 -13.13 -8.28 -37.26
CA PRO D 99 -13.94 -9.15 -38.13
C PRO D 99 -13.54 -9.08 -39.59
N VAL D 100 -13.06 -7.91 -40.05
CA VAL D 100 -12.59 -7.79 -41.42
C VAL D 100 -11.38 -8.69 -41.65
N TYR D 101 -10.41 -8.65 -40.73
CA TYR D 101 -9.20 -9.44 -40.90
C TYR D 101 -9.46 -10.93 -40.65
N GLN D 102 -10.47 -11.26 -39.86
CA GLN D 102 -10.86 -12.66 -39.72
C GLN D 102 -11.35 -13.21 -41.06
N GLU D 103 -12.09 -12.40 -41.82
CA GLU D 103 -12.52 -12.82 -43.16
C GLU D 103 -11.31 -12.97 -44.08
N PHE D 104 -10.37 -12.02 -44.03
CA PHE D 104 -9.13 -12.16 -44.77
C PHE D 104 -8.47 -13.52 -44.50
N ALA D 105 -8.31 -13.85 -43.21
CA ALA D 105 -7.59 -15.07 -42.86
C ALA D 105 -8.29 -16.30 -43.41
N ARG D 106 -9.62 -16.35 -43.33
CA ARG D 106 -10.36 -17.49 -43.85
C ARG D 106 -10.13 -17.65 -45.35
N GLN D 107 -10.13 -16.54 -46.09
CA GLN D 107 -9.89 -16.62 -47.53
C GLN D 107 -8.44 -16.95 -47.84
N ILE D 108 -7.50 -16.46 -47.02
CA ILE D 108 -6.11 -16.85 -47.18
C ILE D 108 -5.95 -18.35 -46.97
N GLY D 109 -6.49 -18.86 -45.87
CA GLY D 109 -6.44 -20.28 -45.59
C GLY D 109 -5.24 -20.68 -44.75
N GLU D 110 -5.37 -21.84 -44.10
CA GLU D 110 -4.34 -22.33 -43.19
C GLU D 110 -3.02 -22.54 -43.91
N ALA D 111 -3.06 -23.21 -45.05
CA ALA D 111 -1.82 -23.58 -45.74
C ALA D 111 -1.04 -22.36 -46.17
N ARG D 112 -1.69 -21.41 -46.85
CA ARG D 112 -0.98 -20.24 -47.37
C ARG D 112 -0.52 -19.34 -46.23
N MET D 113 -1.34 -19.21 -45.17
CA MET D 113 -0.93 -18.40 -44.02
C MET D 113 0.37 -18.93 -43.42
N SER D 114 0.46 -20.25 -43.22
CA SER D 114 1.65 -20.82 -42.62
C SER D 114 2.87 -20.60 -43.50
N LYS D 115 2.76 -20.88 -44.80
CA LYS D 115 3.89 -20.72 -45.69
C LYS D 115 4.40 -19.29 -45.68
N MET D 116 3.50 -18.32 -45.62
CA MET D 116 3.91 -16.92 -45.74
C MET D 116 4.61 -16.44 -44.47
N LEU D 117 4.11 -16.86 -43.29
CA LEU D 117 4.77 -16.45 -42.06
C LEU D 117 6.15 -17.08 -41.93
N HIS D 118 6.36 -18.27 -42.51
CA HIS D 118 7.71 -18.81 -42.58
C HIS D 118 8.58 -17.98 -43.53
N ALA D 119 8.01 -17.59 -44.67
CA ALA D 119 8.73 -16.72 -45.60
C ALA D 119 9.08 -15.39 -44.93
N PHE D 120 8.21 -14.89 -44.06
CA PHE D 120 8.45 -13.65 -43.33
C PHE D 120 9.39 -13.81 -42.14
N ASP D 121 9.73 -15.05 -41.76
CA ASP D 121 10.53 -15.30 -40.55
C ASP D 121 9.86 -14.66 -39.33
N TYR D 122 8.53 -14.73 -39.29
CA TYR D 122 7.72 -13.97 -38.34
C TYR D 122 7.55 -14.74 -37.03
N GLY D 123 8.19 -14.25 -35.97
CA GLY D 123 8.00 -14.85 -34.64
C GLY D 123 8.33 -16.31 -34.64
N ASN D 124 7.55 -17.10 -33.88
CA ASN D 124 7.74 -18.54 -33.87
C ASN D 124 7.08 -19.22 -35.07
N GLU D 125 6.40 -18.48 -35.93
CA GLU D 125 5.84 -19.00 -37.19
C GLU D 125 4.79 -20.08 -36.95
N ASP D 126 4.15 -20.08 -35.79
CA ASP D 126 3.21 -21.13 -35.39
C ASP D 126 1.80 -20.56 -35.43
N ILE D 127 0.97 -21.07 -36.33
CA ILE D 127 -0.40 -20.60 -36.50
C ILE D 127 -1.42 -21.54 -35.84
N SER D 128 -0.97 -22.39 -34.91
CA SER D 128 -1.88 -23.35 -34.29
C SER D 128 -3.10 -22.63 -33.72
N GLY D 129 -4.26 -23.26 -33.87
CA GLY D 129 -5.52 -22.65 -33.47
C GLY D 129 -6.44 -22.40 -34.64
N ASN D 130 -7.40 -21.50 -34.47
CA ASN D 130 -8.31 -21.15 -35.54
C ASN D 130 -7.60 -20.27 -36.56
N VAL D 131 -7.82 -20.55 -37.84
CA VAL D 131 -7.17 -19.78 -38.89
C VAL D 131 -7.53 -18.31 -38.79
N ASP D 132 -8.70 -18.01 -38.22
CA ASP D 132 -9.19 -16.64 -38.10
C ASP D 132 -9.11 -16.10 -36.68
N SER D 133 -8.30 -16.70 -35.80
CA SER D 133 -8.10 -16.12 -34.49
C SER D 133 -6.77 -16.49 -33.83
N PHE D 134 -5.85 -17.15 -34.54
CA PHE D 134 -4.65 -17.65 -33.88
C PHE D 134 -3.78 -16.52 -33.35
N TRP D 135 -3.85 -15.33 -33.96
CA TRP D 135 -3.05 -14.20 -33.48
C TRP D 135 -3.66 -13.54 -32.24
N LEU D 136 -4.85 -13.95 -31.84
CA LEU D 136 -5.50 -13.44 -30.63
C LEU D 136 -5.54 -14.46 -29.50
N ASP D 137 -5.65 -15.76 -29.82
CA ASP D 137 -5.73 -16.79 -28.79
C ASP D 137 -5.17 -18.12 -29.27
N GLY D 138 -4.25 -18.09 -30.24
CA GLY D 138 -3.61 -19.29 -30.74
C GLY D 138 -2.18 -19.42 -30.29
N GLY D 139 -1.36 -20.11 -31.07
CA GLY D 139 -0.01 -20.45 -30.70
C GLY D 139 1.09 -19.53 -31.17
N ILE D 140 0.78 -18.52 -31.98
CA ILE D 140 1.81 -17.67 -32.55
C ILE D 140 2.34 -16.72 -31.48
N ARG D 141 3.66 -16.50 -31.50
CA ARG D 141 4.32 -15.66 -30.52
C ARG D 141 5.41 -14.86 -31.23
N ILE D 142 5.60 -13.62 -30.80
CA ILE D 142 6.62 -12.73 -31.36
C ILE D 142 7.09 -11.79 -30.27
N SER D 143 8.39 -11.48 -30.26
CA SER D 143 8.98 -10.56 -29.31
C SER D 143 9.12 -9.17 -29.91
N ALA D 144 9.45 -8.20 -29.06
CA ALA D 144 9.64 -6.84 -29.52
C ALA D 144 10.78 -6.73 -30.53
N THR D 145 11.91 -7.37 -30.23
CA THR D 145 13.04 -7.34 -31.16
C THR D 145 12.70 -8.04 -32.47
N GLU D 146 11.87 -9.09 -32.42
CA GLU D 146 11.46 -9.77 -33.65
C GLU D 146 10.51 -8.90 -34.48
N GLN D 147 9.67 -8.09 -33.83
CA GLN D 147 8.83 -7.16 -34.56
C GLN D 147 9.68 -6.19 -35.38
N ILE D 148 10.73 -5.64 -34.79
CA ILE D 148 11.60 -4.71 -35.52
C ILE D 148 12.26 -5.41 -36.70
N SER D 149 12.83 -6.59 -36.48
CA SER D 149 13.44 -7.30 -37.59
C SER D 149 12.46 -7.45 -38.74
N PHE D 150 11.20 -7.76 -38.43
CA PHE D 150 10.16 -7.83 -39.45
C PHE D 150 9.89 -6.46 -40.04
N LEU D 151 9.79 -5.43 -39.19
CA LEU D 151 9.48 -4.09 -39.69
C LEU D 151 10.60 -3.57 -40.58
N ARG D 152 11.85 -3.87 -40.24
CA ARG D 152 12.96 -3.43 -41.08
C ARG D 152 12.88 -4.02 -42.48
N LYS D 153 12.49 -5.30 -42.59
CA LYS D 153 12.31 -5.87 -43.92
C LYS D 153 11.19 -5.15 -44.67
N LEU D 154 10.06 -4.90 -44.00
CA LEU D 154 8.96 -4.20 -44.65
C LEU D 154 9.41 -2.83 -45.12
N TYR D 155 10.10 -2.07 -44.26
CA TYR D 155 10.56 -0.74 -44.63
C TYR D 155 11.37 -0.77 -45.92
N HIS D 156 12.29 -1.72 -46.04
CA HIS D 156 13.18 -1.82 -47.19
C HIS D 156 12.59 -2.62 -48.35
N ASN D 157 11.32 -3.02 -48.26
CA ASN D 157 10.67 -3.80 -49.31
C ASN D 157 11.37 -5.15 -49.52
N LYS D 158 11.89 -5.73 -48.44
CA LYS D 158 12.65 -6.97 -48.53
C LYS D 158 11.84 -8.22 -48.18
N LEU D 159 10.60 -8.07 -47.72
CA LEU D 159 9.76 -9.24 -47.48
C LEU D 159 9.41 -9.91 -48.80
N HIS D 160 9.14 -11.21 -48.73
CA HIS D 160 8.93 -12.00 -49.94
C HIS D 160 7.50 -11.86 -50.45
N VAL D 161 7.08 -10.62 -50.66
CA VAL D 161 5.86 -10.28 -51.38
C VAL D 161 6.20 -9.11 -52.31
N SER D 162 5.25 -8.75 -53.16
CA SER D 162 5.52 -7.71 -54.15
C SER D 162 5.82 -6.38 -53.46
N GLU D 163 6.59 -5.54 -54.15
CA GLU D 163 6.82 -4.17 -53.66
C GLU D 163 5.51 -3.44 -53.48
N ARG D 164 4.57 -3.62 -54.42
CA ARG D 164 3.27 -2.96 -54.34
C ARG D 164 2.56 -3.31 -53.03
N SER D 165 2.52 -4.60 -52.68
CA SER D 165 1.87 -5.00 -51.44
C SER D 165 2.49 -4.30 -50.24
N GLN D 166 3.82 -4.20 -50.23
CA GLN D 166 4.50 -3.59 -49.09
C GLN D 166 4.25 -2.08 -49.04
N ARG D 167 4.21 -1.43 -50.22
CA ARG D 167 3.91 0.00 -50.24
C ARG D 167 2.51 0.29 -49.73
N ILE D 168 1.54 -0.56 -50.10
CA ILE D 168 0.16 -0.33 -49.67
C ILE D 168 0.03 -0.49 -48.17
N VAL D 169 0.67 -1.50 -47.59
CA VAL D 169 0.58 -1.71 -46.15
C VAL D 169 1.23 -0.56 -45.40
N LYS D 170 2.38 -0.08 -45.88
CA LYS D 170 3.03 1.04 -45.22
C LYS D 170 2.19 2.31 -45.30
N GLN D 171 1.46 2.49 -46.40
CA GLN D 171 0.46 3.55 -46.46
C GLN D 171 -0.59 3.36 -45.38
N ALA D 172 -1.14 2.15 -45.26
CA ALA D 172 -2.17 1.87 -44.28
C ALA D 172 -1.67 1.99 -42.85
N MET D 173 -0.36 1.88 -42.63
CA MET D 173 0.22 2.04 -41.30
C MET D 173 0.38 3.50 -40.91
N LEU D 174 0.16 4.44 -41.82
CA LEU D 174 0.37 5.85 -41.53
C LEU D 174 -0.47 6.28 -40.33
N THR D 175 0.20 6.81 -39.32
CA THR D 175 -0.42 7.20 -38.06
C THR D 175 -0.33 8.69 -37.79
N GLU D 176 0.82 9.31 -38.05
CA GLU D 176 1.03 10.71 -37.74
C GLU D 176 2.08 11.27 -38.67
N ALA D 177 1.90 12.51 -39.09
CA ALA D 177 2.87 13.17 -39.94
C ALA D 177 2.78 14.67 -39.72
N ASN D 178 3.93 15.32 -39.57
CA ASN D 178 4.02 16.75 -39.42
C ASN D 178 5.35 17.20 -40.02
N GLY D 179 5.70 18.47 -39.83
CA GLY D 179 6.95 18.98 -40.36
C GLY D 179 8.19 18.36 -39.73
N ASP D 180 8.04 17.64 -38.62
CA ASP D 180 9.19 17.10 -37.90
C ASP D 180 9.40 15.61 -38.11
N TYR D 181 8.34 14.82 -38.26
CA TYR D 181 8.50 13.38 -38.37
C TYR D 181 7.24 12.76 -38.96
N ILE D 182 7.39 11.49 -39.37
CA ILE D 182 6.30 10.64 -39.82
C ILE D 182 6.35 9.37 -39.01
N ILE D 183 5.21 8.93 -38.48
CA ILE D 183 5.11 7.66 -37.77
C ILE D 183 4.21 6.72 -38.56
N ARG D 184 4.75 5.55 -38.88
CA ARG D 184 3.97 4.43 -39.40
C ARG D 184 4.05 3.33 -38.36
N ALA D 185 2.89 2.87 -37.88
CA ALA D 185 2.85 2.00 -36.72
C ALA D 185 1.51 1.29 -36.67
N LYS D 186 1.41 0.31 -35.77
CA LYS D 186 0.16 -0.40 -35.54
C LYS D 186 0.06 -0.76 -34.06
N THR D 187 -1.10 -0.52 -33.47
CA THR D 187 -1.34 -0.87 -32.09
C THR D 187 -1.77 -2.33 -31.96
N GLY D 188 -1.61 -2.86 -30.76
CA GLY D 188 -2.09 -4.19 -30.44
C GLY D 188 -2.59 -4.23 -29.00
N TYR D 189 -3.60 -5.06 -28.79
CA TYR D 189 -4.23 -5.22 -27.48
C TYR D 189 -4.62 -6.69 -27.33
N SER D 190 -3.90 -7.42 -26.50
CA SER D 190 -4.10 -8.86 -26.33
C SER D 190 -4.81 -9.11 -25.01
N THR D 191 -6.03 -9.65 -25.07
CA THR D 191 -6.85 -9.87 -23.89
C THR D 191 -7.33 -11.30 -23.69
N ARG D 192 -7.31 -12.13 -24.73
CA ARG D 192 -7.95 -13.44 -24.64
C ARG D 192 -7.13 -14.46 -23.86
N ILE D 193 -5.83 -14.25 -23.73
CA ILE D 193 -4.96 -15.14 -22.98
C ILE D 193 -4.01 -14.29 -22.14
N GLU D 194 -3.80 -14.72 -20.89
CA GLU D 194 -2.92 -13.99 -20.00
C GLU D 194 -1.47 -14.15 -20.45
N PRO D 195 -0.61 -13.15 -20.19
CA PRO D 195 -0.95 -11.87 -19.56
C PRO D 195 -1.52 -10.87 -20.56
N LYS D 196 -2.48 -10.05 -20.14
CA LYS D 196 -2.99 -9.00 -21.02
C LYS D 196 -1.91 -7.95 -21.23
N ILE D 197 -1.66 -7.62 -22.50
CA ILE D 197 -0.61 -6.68 -22.87
C ILE D 197 -1.12 -5.75 -23.96
N GLY D 198 -0.45 -4.61 -24.08
CA GLY D 198 -0.62 -3.71 -25.20
C GLY D 198 0.65 -3.66 -26.03
N TRP D 199 0.49 -3.46 -27.34
CA TRP D 199 1.60 -3.32 -28.27
C TRP D 199 1.57 -1.95 -28.92
N TRP D 200 2.75 -1.45 -29.30
CA TRP D 200 2.84 -0.42 -30.34
C TRP D 200 4.15 -0.66 -31.07
N VAL D 201 4.06 -0.92 -32.37
CA VAL D 201 5.22 -1.25 -33.19
C VAL D 201 5.15 -0.42 -34.48
N GLY D 202 6.32 -0.01 -34.96
CA GLY D 202 6.39 0.81 -36.16
C GLY D 202 7.75 1.46 -36.28
N TRP D 203 7.76 2.65 -36.87
CA TRP D 203 9.00 3.41 -36.98
C TRP D 203 8.69 4.90 -37.10
N VAL D 204 9.73 5.70 -36.90
CA VAL D 204 9.66 7.15 -36.98
C VAL D 204 10.60 7.58 -38.09
N GLU D 205 10.05 8.22 -39.11
CA GLU D 205 10.85 8.70 -40.24
C GLU D 205 11.29 10.12 -39.96
N LEU D 206 12.60 10.35 -39.99
CA LEU D 206 13.19 11.68 -39.93
C LEU D 206 13.81 12.01 -41.27
N ASP D 207 14.25 13.26 -41.41
CA ASP D 207 14.86 13.70 -42.66
C ASP D 207 15.99 12.77 -43.09
N ASP D 208 16.83 12.34 -42.13
CA ASP D 208 18.08 11.67 -42.46
C ASP D 208 18.27 10.36 -41.69
N ASN D 209 17.22 9.83 -41.08
CA ASN D 209 17.35 8.59 -40.33
C ASN D 209 15.96 8.04 -40.08
N VAL D 210 15.90 6.78 -39.66
CA VAL D 210 14.65 6.15 -39.26
C VAL D 210 14.88 5.40 -37.97
N TRP D 211 14.00 5.59 -37.00
CA TRP D 211 14.05 4.89 -35.73
C TRP D 211 12.87 3.92 -35.70
N PHE D 212 13.18 2.63 -35.79
CA PHE D 212 12.16 1.62 -35.57
C PHE D 212 11.93 1.46 -34.08
N PHE D 213 10.69 1.13 -33.71
CA PHE D 213 10.38 0.94 -32.31
C PHE D 213 9.40 -0.22 -32.15
N ALA D 214 9.45 -0.84 -30.97
CA ALA D 214 8.50 -1.88 -30.59
C ALA D 214 8.40 -1.86 -29.08
N MET D 215 7.19 -1.65 -28.58
CA MET D 215 6.95 -1.59 -27.15
C MET D 215 5.78 -2.50 -26.82
N ASN D 216 5.83 -3.11 -25.64
CA ASN D 216 4.65 -3.72 -25.06
C ASN D 216 4.67 -3.44 -23.57
N MET D 217 3.47 -3.52 -22.97
CA MET D 217 3.31 -3.24 -21.56
C MET D 217 2.14 -4.06 -21.04
N ASP D 218 2.21 -4.42 -19.76
CA ASP D 218 1.07 -5.09 -19.13
C ASP D 218 -0.14 -4.16 -19.19
N MET D 219 -1.30 -4.73 -19.52
CA MET D 219 -2.53 -3.97 -19.73
C MET D 219 -3.68 -4.65 -19.01
N PRO D 220 -3.75 -4.50 -17.68
CA PRO D 220 -4.84 -5.15 -16.93
C PRO D 220 -6.22 -4.65 -17.32
N THR D 221 -6.35 -3.40 -17.73
CA THR D 221 -7.64 -2.84 -18.13
C THR D 221 -7.45 -1.95 -19.35
N SER D 222 -8.56 -1.66 -20.02
CA SER D 222 -8.54 -0.79 -21.19
C SER D 222 -8.25 0.66 -20.83
N ASP D 223 -8.23 1.00 -19.54
CA ASP D 223 -8.01 2.38 -19.15
C ASP D 223 -6.63 2.87 -19.57
N GLY D 224 -5.66 1.97 -19.70
CA GLY D 224 -4.29 2.32 -19.98
C GLY D 224 -3.85 2.20 -21.42
N LEU D 225 -4.78 2.05 -22.37
CA LEU D 225 -4.36 1.86 -23.76
C LEU D 225 -3.57 3.05 -24.28
N GLY D 226 -3.89 4.26 -23.83
CA GLY D 226 -3.18 5.44 -24.29
C GLY D 226 -1.71 5.46 -23.91
N LEU D 227 -1.33 4.73 -22.86
CA LEU D 227 0.07 4.71 -22.45
C LEU D 227 0.97 4.01 -23.46
N ARG D 228 0.42 3.18 -24.34
CA ARG D 228 1.21 2.57 -25.40
C ARG D 228 1.93 3.65 -26.20
N GLN D 229 1.18 4.64 -26.67
CA GLN D 229 1.77 5.74 -27.44
C GLN D 229 2.44 6.76 -26.54
N ALA D 230 1.84 7.06 -25.39
CA ALA D 230 2.37 8.12 -24.53
C ALA D 230 3.74 7.75 -23.98
N ILE D 231 3.92 6.50 -23.53
CA ILE D 231 5.21 6.08 -22.99
C ILE D 231 6.27 6.05 -24.09
N THR D 232 5.92 5.50 -25.25
CA THR D 232 6.88 5.47 -26.36
C THR D 232 7.34 6.87 -26.73
N LYS D 233 6.40 7.81 -26.85
CA LYS D 233 6.76 9.17 -27.23
C LYS D 233 7.62 9.84 -26.16
N GLU D 234 7.33 9.57 -24.88
CA GLU D 234 8.17 10.12 -23.81
C GLU D 234 9.61 9.66 -23.97
N VAL D 235 9.81 8.38 -24.32
CA VAL D 235 11.16 7.89 -24.57
C VAL D 235 11.76 8.59 -25.79
N LEU D 236 10.98 8.70 -26.87
CA LEU D 236 11.48 9.36 -28.07
C LEU D 236 11.90 10.80 -27.77
N LYS D 237 11.08 11.52 -26.99
CA LYS D 237 11.45 12.90 -26.64
C LYS D 237 12.69 12.93 -25.76
N GLN D 238 12.78 12.03 -24.78
CA GLN D 238 13.94 12.01 -23.91
C GLN D 238 15.22 11.81 -24.73
N GLU D 239 15.19 10.89 -25.69
CA GLU D 239 16.32 10.66 -26.57
C GLU D 239 16.42 11.69 -27.69
N LYS D 240 15.59 12.74 -27.66
CA LYS D 240 15.66 13.82 -28.65
C LYS D 240 15.51 13.29 -30.07
N ILE D 241 14.74 12.22 -30.22
CA ILE D 241 14.36 11.73 -31.54
C ILE D 241 13.23 12.58 -32.11
N ILE D 242 12.31 13.03 -31.26
CA ILE D 242 11.24 13.93 -31.66
C ILE D 242 11.20 15.10 -30.68
N PRO D 243 10.72 16.28 -31.07
CA PRO D 243 10.59 17.40 -30.13
C PRO D 243 9.56 17.12 -29.03
C XEV E . -10.57 -16.06 9.34
O XEV E . -11.08 -16.51 8.29
C1 XEV E . -9.93 -14.69 9.28
C10 XEV E . -2.81 -10.83 11.72
C11 XEV E . -3.73 -12.90 10.12
C12 XEV E . -4.22 -13.89 9.29
C13 XEV E . -5.58 -14.02 9.07
C2 XEV E . -8.56 -14.56 9.49
C3 XEV E . -7.95 -13.30 9.46
C4 XEV E . -8.75 -12.18 9.22
C5 XEV E . -10.10 -12.31 9.01
C6 XEV E . -10.70 -13.56 9.04
C7 XEV E . -6.49 -13.16 9.69
C8 XEV E . -5.99 -12.16 10.52
C9 XEV E . -4.62 -12.04 10.72
O1 XEV E . -10.54 -16.67 10.44
O2 XEV E . -4.21 -11.00 11.53
H7 XEV E . -2.57 -9.94 12.31
H5 XEV E . -2.24 -10.84 10.79
H6 XEV E . -2.53 -11.72 12.30
H8 XEV E . -2.66 -12.84 10.25
H9 XEV E . -3.53 -14.58 8.80
H10 XEV E . -5.95 -14.81 8.41
H XEV E . -7.96 -15.45 9.67
H1 XEV E . -8.29 -11.19 9.19
H2 XEV E . -10.71 -11.43 8.82
H3 XEV E . -11.77 -13.67 8.89
H4 XEV E . -6.68 -11.47 11.02
C XEV F . 14.76 -9.90 13.21
O XEV F . 14.41 -8.70 13.37
C1 XEV F . 14.03 -10.96 14.01
C10 XEV F . 6.07 -13.31 15.43
C11 XEV F . 8.02 -13.40 13.42
C12 XEV F . 9.02 -13.48 12.47
C13 XEV F . 10.31 -13.10 12.78
C2 XEV F . 12.72 -11.30 13.68
C3 XEV F . 12.03 -12.26 14.40
C4 XEV F . 12.68 -12.89 15.47
C5 XEV F . 13.98 -12.56 15.79
C6 XEV F . 14.66 -11.59 15.07
C7 XEV F . 10.63 -12.62 14.05
C8 XEV F . 9.61 -12.53 15.00
C9 XEV F . 8.33 -12.92 14.69
O1 XEV F . 15.67 -10.28 12.44
O2 XEV F . 7.40 -12.85 15.70
H7 XEV F . 5.96 -14.39 15.53
H5 XEV F . 5.70 -12.99 14.46
H6 XEV F . 5.49 -12.83 16.21
H8 XEV F . 7.01 -13.72 13.13
H9 XEV F . 8.79 -13.85 11.48
H10 XEV F . 11.09 -13.16 12.03
H XEV F . 12.24 -10.79 12.85
H1 XEV F . 12.17 -13.65 16.05
H2 XEV F . 14.48 -13.06 16.63
H3 XEV F . 15.69 -11.33 15.31
H4 XEV F . 9.83 -12.15 16.00
C1 EDO G . 10.76 -14.23 30.01
O1 EDO G . 10.60 -12.81 29.98
C2 EDO G . 10.37 -14.82 28.66
O2 EDO G . 11.52 -14.88 27.79
H11 EDO G . 11.80 -14.49 30.24
H12 EDO G . 10.12 -14.66 30.79
HO1 EDO G . 10.84 -12.44 30.84
H21 EDO G . 9.98 -15.83 28.80
H22 EDO G . 9.59 -14.22 28.20
HO2 EDO G . 11.26 -15.25 26.94
C1 EDO H . 43.78 8.75 15.27
O1 EDO H . 43.10 9.70 16.11
C2 EDO H . 42.85 7.57 15.01
O2 EDO H . 43.46 6.69 14.05
H11 EDO H . 44.04 9.22 14.33
H12 EDO H . 44.69 8.41 15.76
HO1 EDO H . 43.69 10.46 16.28
H21 EDO H . 42.67 7.02 15.95
H22 EDO H . 41.89 7.92 14.63
HO2 EDO H . 42.87 5.94 13.88
C1 EDO I . 11.43 20.11 1.12
O1 EDO I . 10.53 21.22 1.10
C2 EDO I . 12.32 20.17 -0.12
O2 EDO I . 11.64 20.91 -1.14
H11 EDO I . 12.04 20.13 2.03
H12 EDO I . 10.85 19.17 1.11
HO1 EDO I . 9.96 21.18 1.88
H21 EDO I . 13.26 20.67 0.14
H22 EDO I . 12.55 19.17 -0.46
HO2 EDO I . 12.20 20.96 -1.92
C XEV J . -6.59 0.84 -30.48
O XEV J . -6.17 1.50 -31.48
C1 XEV J . -7.94 0.19 -30.59
C10 XEV J . -11.81 -5.93 -26.40
C11 XEV J . -11.35 -3.15 -26.18
C12 XEV J . -11.11 -1.79 -26.13
C13 XEV J . -10.59 -1.12 -27.22
C2 XEV J . -8.47 -0.50 -29.50
C3 XEV J . -9.72 -1.10 -29.57
C4 XEV J . -10.44 -1.01 -30.77
C5 XEV J . -9.92 -0.33 -31.85
C6 XEV J . -8.68 0.28 -31.76
C7 XEV J . -10.29 -1.81 -28.40
C8 XEV J . -10.53 -3.19 -28.44
C9 XEV J . -11.05 -3.84 -27.33
O1 XEV J . -5.95 0.69 -29.41
O2 XEV J . -11.26 -5.19 -27.49
H7 XEV J . -12.31 -5.30 -25.67
H5 XEV J . -11.07 -6.56 -25.90
H6 XEV J . -12.54 -6.57 -26.88
H8 XEV J . -11.76 -3.62 -25.28
H9 XEV J . -11.35 -1.23 -25.22
H10 XEV J . -10.41 -0.05 -27.18
H XEV J . -7.88 -0.56 -28.59
H1 XEV J . -11.42 -1.48 -30.85
H2 XEV J . -10.49 -0.25 -32.77
H3 XEV J . -8.26 0.83 -32.60
H4 XEV J . -10.30 -3.75 -29.35
CL CL K . 2.02 7.39 -47.36
C1 EDO L . 10.08 13.89 -41.85
O1 EDO L . 9.19 14.95 -42.23
C2 EDO L . 10.48 13.08 -43.07
O2 EDO L . 11.29 13.88 -43.94
H11 EDO L . 10.97 14.31 -41.37
H12 EDO L . 9.58 13.24 -41.12
HO1 EDO L . 8.94 15.45 -41.44
H21 EDO L . 11.05 12.20 -42.74
H22 EDO L . 9.59 12.74 -43.59
HO2 EDO L . 11.55 13.35 -44.71
#